data_6T3E
#
_entry.id   6T3E
#
_cell.length_a   82.688
_cell.length_b   51.509
_cell.length_c   92.290
_cell.angle_alpha   90.000
_cell.angle_beta   115.906
_cell.angle_gamma   90.000
#
_symmetry.space_group_name_H-M   'P 1 21 1'
#
loop_
_entity.id
_entity.type
_entity.pdbx_description
1 polymer 'DELTA1-pyrroline-2-carboxylate reductase'
2 non-polymer PROLINE
3 non-polymer '1,4-DIHYDRONICOTINAMIDE ADENINE DINUCLEOTIDE'
4 water water
#
_entity_poly.entity_id   1
_entity_poly.type   'polypeptide(L)'
_entity_poly.pdbx_seq_one_letter_code
;MGSHHHHHHSSGENLYFQGHMVFGMLLLSRSDLEKLISMKEVIESVERAFLELYNGKAKVPLRTIIEVEKHNGFILYMPS
YLEDSEALAVKVVSLYPENTKKGLPSVLASILLNDPKTGAPLALMEGTFITAMRTGAASGVATKYLARKDSKIAGIIGAG
VQARTQLWAVCEVRNIEKALVYDINPKNAKKFAEEMSKKLGIEIKTVESAREATEKSDILIVATTAREPVVKGGWIREGT
HINSVGWVGRDARELDSETVRKSKLVVDSKEGVLNESGDIIIPMKEGVIDEGHIHAELAEIVAGVKKGRENNREITLFKS
VGLAIEDAITAKLAYEKALEHGVGTNVEL
;
_entity_poly.pdbx_strand_id   A,B
#
loop_
_chem_comp.id
_chem_comp.type
_chem_comp.name
_chem_comp.formula
NAI non-polymer '1,4-DIHYDRONICOTINAMIDE ADENINE DINUCLEOTIDE' 'C21 H29 N7 O14 P2'
#
# COMPACT_ATOMS: atom_id res chain seq x y z
N MET A 25 10.86 -4.93 15.63
CA MET A 25 9.58 -4.18 15.54
C MET A 25 8.58 -4.51 16.66
N LEU A 26 7.71 -3.55 16.96
CA LEU A 26 6.75 -3.61 18.06
C LEU A 26 5.35 -3.94 17.55
N LEU A 27 4.63 -4.75 18.33
CA LEU A 27 3.28 -5.18 18.00
C LEU A 27 2.31 -4.50 18.95
N LEU A 28 1.23 -3.96 18.40
CA LEU A 28 0.25 -3.22 19.19
C LEU A 28 -1.12 -3.76 18.86
N SER A 29 -1.83 -4.25 19.88
CA SER A 29 -3.17 -4.80 19.78
C SER A 29 -4.22 -3.74 20.13
N ARG A 30 -5.48 -4.03 19.79
CA ARG A 30 -6.56 -3.10 20.13
C ARG A 30 -6.59 -2.81 21.63
N SER A 31 -6.37 -3.83 22.45
CA SER A 31 -6.30 -3.61 23.89
C SER A 31 -5.15 -2.70 24.26
N ASP A 32 -4.00 -2.86 23.58
CA ASP A 32 -2.88 -1.94 23.78
C ASP A 32 -3.27 -0.53 23.35
N LEU A 33 -3.92 -0.40 22.20
CA LEU A 33 -4.20 0.93 21.65
C LEU A 33 -5.34 1.63 22.38
N GLU A 34 -6.37 0.89 22.80
CA GLU A 34 -7.59 1.52 23.29
C GLU A 34 -7.31 2.42 24.49
N LYS A 35 -6.40 2.01 25.37
CA LYS A 35 -6.01 2.82 26.51
C LYS A 35 -5.22 4.06 26.11
N LEU A 36 -4.37 3.97 25.08
CA LEU A 36 -3.32 4.95 24.85
C LEU A 36 -3.84 6.29 24.35
N ILE A 37 -4.82 6.29 23.45
CA ILE A 37 -5.20 7.51 22.73
C ILE A 37 -6.65 7.86 23.05
N SER A 38 -6.92 9.15 23.17
CA SER A 38 -8.24 9.67 23.48
C SER A 38 -8.71 10.57 22.35
N MET A 39 -10.02 10.87 22.33
CA MET A 39 -10.56 11.61 21.19
C MET A 39 -10.07 13.06 21.18
N LYS A 40 -9.83 13.64 22.36
CA LYS A 40 -9.27 14.99 22.39
C LYS A 40 -7.89 15.01 21.75
N GLU A 41 -7.07 13.98 22.00
CA GLU A 41 -5.75 13.86 21.40
C GLU A 41 -5.83 13.74 19.88
N VAL A 42 -6.71 12.89 19.38
CA VAL A 42 -6.75 12.60 17.95
C VAL A 42 -7.25 13.81 17.17
N ILE A 43 -8.19 14.59 17.73
CA ILE A 43 -8.67 15.79 17.05
C ILE A 43 -7.53 16.81 16.89
N GLU A 44 -6.78 17.06 17.98
CA GLU A 44 -5.65 17.98 17.89
C GLU A 44 -4.65 17.50 16.86
N SER A 45 -4.40 16.19 16.85
CA SER A 45 -3.39 15.60 15.98
C SER A 45 -3.87 15.58 14.52
N VAL A 46 -5.13 15.23 14.29
CA VAL A 46 -5.62 15.20 12.91
C VAL A 46 -5.69 16.61 12.33
N GLU A 47 -6.08 17.59 13.14
CA GLU A 47 -6.09 18.95 12.65
C GLU A 47 -4.69 19.41 12.25
N ARG A 48 -3.68 19.01 13.06
CA ARG A 48 -2.30 19.36 12.76
C ARG A 48 -1.82 18.65 11.51
N ALA A 49 -2.30 17.42 11.28
CA ALA A 49 -1.92 16.72 10.06
C ALA A 49 -2.44 17.44 8.82
N PHE A 50 -3.65 17.99 8.90
CA PHE A 50 -4.22 18.68 7.74
C PHE A 50 -3.52 20.00 7.48
N LEU A 51 -3.08 20.68 8.54
CA LEU A 51 -2.27 21.88 8.36
C LEU A 51 -0.93 21.53 7.72
N GLU A 52 -0.33 20.42 8.15
CA GLU A 52 0.91 19.96 7.56
C GLU A 52 0.72 19.61 6.08
N LEU A 53 -0.44 19.05 5.74
CA LEU A 53 -0.71 18.74 4.33
C LEU A 53 -0.85 20.01 3.51
N TYR A 54 -1.46 21.06 4.07
CA TYR A 54 -1.62 22.30 3.33
C TYR A 54 -0.28 22.98 3.04
N ASN A 55 0.67 22.90 3.97
CA ASN A 55 1.98 23.51 3.83
C ASN A 55 2.92 22.70 2.94
N GLY A 56 2.40 21.73 2.20
CA GLY A 56 3.21 20.98 1.28
C GLY A 56 4.19 20.03 1.92
N LYS A 57 3.99 19.69 3.20
CA LYS A 57 4.90 18.81 3.92
C LYS A 57 4.32 17.40 4.09
N ALA A 58 3.40 17.01 3.23
CA ALA A 58 2.81 15.68 3.30
C ALA A 58 2.83 15.06 1.91
N LYS A 59 3.11 13.77 1.88
CA LYS A 59 3.02 12.97 0.67
C LYS A 59 1.87 11.98 0.89
N VAL A 60 0.72 12.28 0.29
CA VAL A 60 -0.43 11.40 0.39
C VAL A 60 -0.89 11.08 -1.03
N PRO A 61 -0.25 10.15 -1.71
CA PRO A 61 -0.77 9.72 -3.02
C PRO A 61 -2.14 9.11 -2.85
N LEU A 62 -2.95 9.16 -3.90
CA LEU A 62 -4.30 8.60 -3.82
C LEU A 62 -4.23 7.11 -3.51
N ARG A 63 -5.05 6.66 -2.58
CA ARG A 63 -5.00 5.27 -2.14
C ARG A 63 -5.41 4.31 -3.26
N THR A 64 -4.87 3.10 -3.18
CA THR A 64 -5.16 2.03 -4.13
C THR A 64 -6.29 1.15 -3.59
N ILE A 65 -7.35 0.98 -4.37
CA ILE A 65 -8.50 0.16 -3.99
C ILE A 65 -8.54 -1.06 -4.89
N ILE A 66 -8.52 -2.23 -4.28
CA ILE A 66 -8.69 -3.50 -4.97
C ILE A 66 -10.04 -4.07 -4.56
N GLU A 67 -10.93 -4.20 -5.53
CA GLU A 67 -12.25 -4.73 -5.25
C GLU A 67 -12.23 -6.25 -5.42
N VAL A 68 -12.55 -6.96 -4.36
CA VAL A 68 -12.67 -8.41 -4.44
C VAL A 68 -14.13 -8.66 -4.81
N GLU A 69 -14.41 -8.56 -6.12
CA GLU A 69 -15.75 -8.85 -6.61
C GLU A 69 -16.22 -10.24 -6.21
N LYS A 70 -15.27 -11.19 -6.13
CA LYS A 70 -15.61 -12.59 -5.89
C LYS A 70 -16.27 -12.77 -4.53
N HIS A 71 -15.95 -11.91 -3.56
CA HIS A 71 -16.44 -12.05 -2.19
C HIS A 71 -17.13 -10.80 -1.68
N ASN A 72 -17.51 -9.87 -2.57
CA ASN A 72 -18.30 -8.69 -2.20
C ASN A 72 -17.59 -7.88 -1.11
N GLY A 73 -16.37 -7.45 -1.41
CA GLY A 73 -15.61 -6.66 -0.47
C GLY A 73 -14.59 -5.81 -1.17
N PHE A 74 -14.04 -4.87 -0.41
CA PHE A 74 -12.98 -4.01 -0.89
C PHE A 74 -11.82 -4.07 0.08
N ILE A 75 -10.61 -3.93 -0.44
CA ILE A 75 -9.44 -3.76 0.39
C ILE A 75 -8.71 -2.50 -0.08
N LEU A 76 -8.35 -1.64 0.86
CA LEU A 76 -7.81 -0.31 0.61
C LEU A 76 -6.39 -0.23 1.16
N TYR A 77 -5.46 0.29 0.36
CA TYR A 77 -4.06 0.47 0.74
C TYR A 77 -3.78 1.97 0.77
N MET A 78 -3.46 2.50 1.95
CA MET A 78 -3.38 3.95 2.18
C MET A 78 -2.02 4.35 2.74
N PRO A 79 -1.01 4.53 1.89
CA PRO A 79 0.29 5.00 2.35
C PRO A 79 0.35 6.51 2.37
N SER A 80 1.18 7.03 3.27
CA SER A 80 1.37 8.46 3.33
C SER A 80 2.65 8.75 4.10
N TYR A 81 3.23 9.92 3.83
CA TYR A 81 4.43 10.36 4.52
C TYR A 81 4.23 11.81 4.95
N LEU A 82 4.29 12.04 6.26
CA LEU A 82 4.28 13.38 6.81
C LEU A 82 5.69 13.70 7.25
N GLU A 83 6.35 14.62 6.53
CA GLU A 83 7.79 14.78 6.65
C GLU A 83 8.16 15.57 7.89
N ASP A 84 7.36 16.58 8.26
CA ASP A 84 7.63 17.32 9.49
C ASP A 84 7.37 16.46 10.71
N SER A 85 6.25 15.73 10.71
CA SER A 85 5.94 14.84 11.82
C SER A 85 6.74 13.54 11.78
N GLU A 86 7.39 13.25 10.65
CA GLU A 86 8.16 12.02 10.46
C GLU A 86 7.32 10.78 10.78
N ALA A 87 6.14 10.73 10.17
CA ALA A 87 5.20 9.62 10.26
C ALA A 87 5.07 9.02 8.86
N LEU A 88 5.61 7.82 8.69
CA LEU A 88 5.65 7.10 7.42
C LEU A 88 4.87 5.80 7.62
N ALA A 89 3.61 5.79 7.22
CA ALA A 89 2.73 4.69 7.54
C ALA A 89 1.86 4.33 6.36
N VAL A 90 1.46 3.07 6.34
CA VAL A 90 0.48 2.56 5.41
C VAL A 90 -0.56 1.80 6.21
N LYS A 91 -1.82 1.99 5.86
CA LYS A 91 -2.93 1.25 6.46
C LYS A 91 -3.52 0.33 5.40
N VAL A 92 -3.77 -0.91 5.79
CA VAL A 92 -4.48 -1.89 4.96
C VAL A 92 -5.86 -2.05 5.61
N VAL A 93 -6.89 -1.43 5.04
CA VAL A 93 -8.23 -1.47 5.60
C VAL A 93 -9.16 -2.12 4.58
N SER A 94 -10.15 -2.85 5.08
CA SER A 94 -11.08 -3.57 4.23
C SER A 94 -12.52 -3.24 4.58
N LEU A 95 -13.41 -3.25 3.59
CA LEU A 95 -14.84 -3.03 3.80
C LEU A 95 -15.60 -4.24 3.22
N TYR A 96 -16.18 -5.04 4.10
CA TYR A 96 -17.02 -6.17 3.69
C TYR A 96 -18.40 -5.99 4.31
N PRO A 97 -19.36 -5.45 3.56
CA PRO A 97 -20.67 -5.16 4.14
C PRO A 97 -21.39 -6.39 4.67
N GLU A 98 -21.05 -7.60 4.21
CA GLU A 98 -21.71 -8.81 4.68
C GLU A 98 -20.97 -9.46 5.85
N ASN A 99 -19.95 -8.81 6.40
CA ASN A 99 -19.19 -9.41 7.50
C ASN A 99 -20.02 -9.51 8.78
N THR A 100 -20.95 -8.57 9.00
CA THR A 100 -21.79 -8.60 10.19
C THR A 100 -22.68 -9.84 10.24
N LYS A 101 -22.89 -10.49 9.11
CA LYS A 101 -23.62 -11.76 9.09
C LYS A 101 -22.79 -12.91 9.63
N LYS A 102 -21.46 -12.77 9.68
CA LYS A 102 -20.57 -13.79 10.22
C LYS A 102 -20.03 -13.44 11.61
N GLY A 103 -20.62 -12.47 12.29
CA GLY A 103 -20.06 -12.06 13.56
C GLY A 103 -18.74 -11.32 13.44
N LEU A 104 -18.53 -10.59 12.35
CA LEU A 104 -17.29 -9.87 12.13
C LEU A 104 -17.59 -8.41 11.81
N PRO A 105 -16.70 -7.49 12.19
CA PRO A 105 -16.94 -6.08 11.88
C PRO A 105 -16.89 -5.82 10.38
N SER A 106 -17.66 -4.80 9.95
CA SER A 106 -17.64 -4.42 8.54
C SER A 106 -16.26 -3.96 8.11
N VAL A 107 -15.58 -3.23 8.98
CA VAL A 107 -14.28 -2.63 8.64
C VAL A 107 -13.23 -3.27 9.53
N LEU A 108 -12.20 -3.87 8.89
CA LEU A 108 -11.02 -4.42 9.55
C LEU A 108 -9.75 -3.81 8.94
N ALA A 109 -8.82 -3.42 9.80
CA ALA A 109 -7.64 -2.68 9.34
C ALA A 109 -6.39 -3.14 10.08
N SER A 110 -5.25 -2.86 9.45
CA SER A 110 -3.91 -3.03 10.01
C SER A 110 -3.10 -1.82 9.58
N ILE A 111 -2.19 -1.37 10.46
CA ILE A 111 -1.36 -0.21 10.17
C ILE A 111 0.10 -0.57 10.40
N LEU A 112 0.95 -0.24 9.44
CA LEU A 112 2.36 -0.52 9.52
C LEU A 112 3.15 0.79 9.51
N LEU A 113 4.03 0.95 10.48
CA LEU A 113 4.84 2.15 10.62
C LEU A 113 6.27 1.81 10.22
N ASN A 114 6.83 2.65 9.37
CA ASN A 114 8.19 2.47 8.90
C ASN A 114 9.05 3.62 9.42
N ASP A 115 10.34 3.37 9.50
CA ASP A 115 11.29 4.36 9.97
C ASP A 115 11.73 5.23 8.80
N PRO A 116 11.47 6.53 8.82
CA PRO A 116 11.86 7.39 7.68
C PRO A 116 13.36 7.42 7.43
N LYS A 117 14.19 7.17 8.44
CA LYS A 117 15.64 7.23 8.28
C LYS A 117 16.22 5.98 7.63
N THR A 118 15.61 4.81 7.85
CA THR A 118 16.15 3.58 7.31
C THR A 118 15.17 2.80 6.47
N GLY A 119 13.90 3.19 6.44
CA GLY A 119 12.90 2.36 5.81
C GLY A 119 12.51 1.12 6.58
N ALA A 120 13.11 0.89 7.75
CA ALA A 120 12.82 -0.32 8.50
C ALA A 120 11.42 -0.25 9.13
N PRO A 121 10.71 -1.37 9.19
CA PRO A 121 9.40 -1.39 9.87
C PRO A 121 9.56 -1.19 11.37
N LEU A 122 8.78 -0.27 11.93
CA LEU A 122 8.84 0.00 13.36
C LEU A 122 7.75 -0.72 14.15
N ALA A 123 6.53 -0.78 13.61
CA ALA A 123 5.41 -1.34 14.37
C ALA A 123 4.35 -1.86 13.42
N LEU A 124 3.68 -2.92 13.85
CA LEU A 124 2.44 -3.38 13.27
C LEU A 124 1.38 -3.25 14.35
N MET A 125 0.34 -2.45 14.06
CA MET A 125 -0.71 -2.17 15.02
C MET A 125 -2.07 -2.39 14.37
N GLU A 126 -3.03 -2.80 15.20
CA GLU A 126 -4.41 -2.93 14.77
C GLU A 126 -4.99 -1.59 14.35
N GLY A 127 -5.62 -1.55 13.18
CA GLY A 127 -6.06 -0.30 12.60
C GLY A 127 -7.53 -0.02 12.75
N THR A 128 -8.30 -1.00 13.21
CA THR A 128 -9.74 -0.82 13.36
C THR A 128 -10.06 0.25 14.39
N PHE A 129 -9.43 0.20 15.54
CA PHE A 129 -9.70 1.23 16.53
C PHE A 129 -9.18 2.59 16.05
N ILE A 130 -8.02 2.60 15.39
CA ILE A 130 -7.46 3.87 14.93
C ILE A 130 -8.31 4.48 13.82
N THR A 131 -8.82 3.64 12.90
CA THR A 131 -9.64 4.18 11.84
C THR A 131 -10.91 4.83 12.40
N ALA A 132 -11.54 4.19 13.39
CA ALA A 132 -12.72 4.82 14.00
C ALA A 132 -12.35 6.13 14.69
N MET A 133 -11.23 6.15 15.42
CA MET A 133 -10.85 7.36 16.14
C MET A 133 -10.50 8.49 15.18
N ARG A 134 -9.69 8.22 14.15
CA ARG A 134 -9.29 9.25 13.23
C ARG A 134 -10.45 9.72 12.36
N THR A 135 -11.39 8.83 12.03
CA THR A 135 -12.56 9.22 11.26
C THR A 135 -13.46 10.15 12.06
N GLY A 136 -13.71 9.80 13.34
CA GLY A 136 -14.44 10.71 14.19
C GLY A 136 -13.72 12.04 14.34
N ALA A 137 -12.39 11.99 14.53
CA ALA A 137 -11.62 13.22 14.72
C ALA A 137 -11.62 14.08 13.48
N ALA A 138 -11.52 13.47 12.30
CA ALA A 138 -11.56 14.29 11.08
C ALA A 138 -12.87 15.08 11.01
N SER A 139 -13.99 14.44 11.33
CA SER A 139 -15.24 15.17 11.42
C SER A 139 -15.26 16.11 12.62
N GLY A 140 -14.53 15.79 13.68
CA GLY A 140 -14.45 16.70 14.82
C GLY A 140 -13.81 18.03 14.42
N VAL A 141 -12.77 17.96 13.61
CA VAL A 141 -12.13 19.20 13.16
C VAL A 141 -13.10 19.98 12.28
N ALA A 142 -13.78 19.30 11.36
CA ALA A 142 -14.69 19.99 10.45
C ALA A 142 -15.84 20.64 11.19
N THR A 143 -16.39 19.93 12.17
CA THR A 143 -17.50 20.46 12.94
C THR A 143 -17.12 21.74 13.67
N LYS A 144 -15.89 21.81 14.19
CA LYS A 144 -15.46 23.00 14.91
C LYS A 144 -15.55 24.25 14.02
N TYR A 145 -15.20 24.12 12.74
CA TYR A 145 -15.19 25.27 11.84
C TYR A 145 -16.52 25.48 11.13
N LEU A 146 -17.37 24.46 11.01
CA LEU A 146 -18.56 24.55 10.16
C LEU A 146 -19.88 24.56 10.90
N ALA A 147 -19.92 24.14 12.17
CA ALA A 147 -21.18 24.04 12.89
C ALA A 147 -21.38 25.25 13.78
N ARG A 148 -22.64 25.63 13.99
CA ARG A 148 -22.96 26.72 14.90
C ARG A 148 -22.52 26.38 16.32
N LYS A 149 -21.92 27.36 17.00
CA LYS A 149 -21.43 27.11 18.34
C LYS A 149 -22.56 26.80 19.32
N ASP A 150 -23.78 27.22 19.04
CA ASP A 150 -24.92 26.96 19.91
C ASP A 150 -25.66 25.67 19.56
N SER A 151 -25.02 24.73 18.88
CA SER A 151 -25.66 23.47 18.53
C SER A 151 -25.81 22.63 19.79
N LYS A 152 -27.00 22.05 19.98
CA LYS A 152 -27.21 21.26 21.19
C LYS A 152 -27.71 19.86 20.90
N ILE A 153 -28.44 19.66 19.80
CA ILE A 153 -29.03 18.37 19.47
C ILE A 153 -28.38 17.80 18.22
N ALA A 154 -27.94 16.54 18.31
CA ALA A 154 -27.26 15.81 17.25
C ALA A 154 -28.12 14.62 16.81
N GLY A 155 -28.27 14.44 15.51
CA GLY A 155 -29.03 13.32 14.96
C GLY A 155 -28.07 12.31 14.34
N ILE A 156 -28.36 11.04 14.53
CA ILE A 156 -27.47 9.98 14.03
C ILE A 156 -28.26 9.06 13.13
N ILE A 157 -27.80 8.90 11.89
CA ILE A 157 -28.38 7.97 10.93
C ILE A 157 -27.31 6.94 10.63
N GLY A 158 -27.61 5.67 10.95
CA GLY A 158 -26.66 4.59 10.90
C GLY A 158 -25.93 4.44 12.22
N ALA A 159 -26.32 3.48 13.06
CA ALA A 159 -25.74 3.37 14.41
C ALA A 159 -24.73 2.23 14.49
N GLY A 160 -23.70 2.31 13.66
CA GLY A 160 -22.64 1.32 13.60
C GLY A 160 -21.40 1.77 14.35
N VAL A 161 -20.25 1.23 13.94
CA VAL A 161 -18.99 1.51 14.62
C VAL A 161 -18.62 2.98 14.49
N GLN A 162 -18.65 3.51 13.26
CA GLN A 162 -18.18 4.87 13.01
C GLN A 162 -19.05 5.90 13.74
N ALA A 163 -20.35 5.63 13.86
CA ALA A 163 -21.23 6.63 14.46
C ALA A 163 -20.83 6.95 15.90
N ARG A 164 -20.31 5.95 16.62
CA ARG A 164 -19.96 6.17 18.02
C ARG A 164 -18.84 7.19 18.15
N THR A 165 -17.73 6.98 17.44
CA THR A 165 -16.65 7.96 17.50
C THR A 165 -17.06 9.28 16.85
N GLN A 166 -17.96 9.21 15.86
CA GLN A 166 -18.48 10.43 15.24
C GLN A 166 -19.16 11.32 16.26
N LEU A 167 -20.09 10.75 17.04
CA LEU A 167 -20.78 11.53 18.06
C LEU A 167 -19.84 11.93 19.20
N TRP A 168 -18.92 11.04 19.56
CA TRP A 168 -17.95 11.37 20.59
C TRP A 168 -17.14 12.61 20.21
N ALA A 169 -16.65 12.65 18.96
CA ALA A 169 -15.87 13.78 18.50
C ALA A 169 -16.71 15.05 18.38
N VAL A 170 -17.97 14.90 18.00
CA VAL A 170 -18.87 16.06 17.99
C VAL A 170 -19.08 16.57 19.41
N CYS A 171 -19.17 15.65 20.38
CA CYS A 171 -19.36 16.02 21.79
C CYS A 171 -18.12 16.68 22.37
N GLU A 172 -16.93 16.35 21.85
CA GLU A 172 -15.72 17.00 22.33
C GLU A 172 -15.58 18.45 21.86
N VAL A 173 -16.27 18.83 20.78
CA VAL A 173 -16.11 20.16 20.20
C VAL A 173 -17.34 21.05 20.35
N ARG A 174 -18.52 20.49 20.67
CA ARG A 174 -19.74 21.25 20.85
C ARG A 174 -20.44 20.81 22.14
N ASN A 175 -21.30 21.69 22.66
CA ASN A 175 -21.99 21.44 23.92
C ASN A 175 -23.30 20.69 23.67
N ILE A 176 -23.14 19.45 23.20
CA ILE A 176 -24.29 18.61 22.88
C ILE A 176 -25.04 18.24 24.15
N GLU A 177 -26.37 18.30 24.08
CA GLU A 177 -27.26 18.00 25.20
C GLU A 177 -28.07 16.72 24.99
N LYS A 178 -28.51 16.47 23.76
CA LYS A 178 -29.39 15.34 23.47
C LYS A 178 -29.04 14.82 22.08
N ALA A 179 -29.18 13.52 21.90
CA ALA A 179 -28.88 12.87 20.64
C ALA A 179 -30.09 12.04 20.21
N LEU A 180 -30.33 12.00 18.91
CA LEU A 180 -31.41 11.21 18.34
C LEU A 180 -30.82 10.23 17.33
N VAL A 181 -31.18 8.96 17.45
CA VAL A 181 -30.55 7.89 16.68
C VAL A 181 -31.60 7.15 15.86
N TYR A 182 -31.34 7.00 14.57
CA TYR A 182 -32.15 6.16 13.72
C TYR A 182 -31.23 5.18 13.00
N ASP A 183 -31.66 3.93 12.96
CA ASP A 183 -30.95 2.89 12.21
C ASP A 183 -31.99 1.99 11.57
N ILE A 184 -31.62 1.40 10.42
CA ILE A 184 -32.54 0.48 9.77
C ILE A 184 -32.73 -0.78 10.60
N ASN A 185 -31.75 -1.13 11.43
CA ASN A 185 -31.86 -2.22 12.38
C ASN A 185 -32.20 -1.64 13.74
N PRO A 186 -33.41 -1.83 14.26
CA PRO A 186 -33.74 -1.24 15.56
C PRO A 186 -32.84 -1.73 16.67
N LYS A 187 -32.30 -2.94 16.54
CA LYS A 187 -31.38 -3.47 17.53
C LYS A 187 -30.15 -2.57 17.65
N ASN A 188 -29.59 -2.17 16.50
CA ASN A 188 -28.37 -1.37 16.49
C ASN A 188 -28.60 0.02 17.07
N ALA A 189 -29.72 0.66 16.73
CA ALA A 189 -30.00 1.99 17.27
C ALA A 189 -30.23 1.92 18.77
N LYS A 190 -30.96 0.91 19.23
CA LYS A 190 -31.20 0.78 20.66
C LYS A 190 -29.89 0.55 21.40
N LYS A 191 -29.07 -0.39 20.91
CA LYS A 191 -27.78 -0.66 21.54
C LYS A 191 -26.89 0.57 21.53
N PHE A 192 -26.92 1.33 20.43
CA PHE A 192 -26.20 2.59 20.37
C PHE A 192 -26.69 3.55 21.43
N ALA A 193 -28.01 3.75 21.48
CA ALA A 193 -28.59 4.72 22.40
C ALA A 193 -28.19 4.40 23.84
N GLU A 194 -28.27 3.12 24.22
CA GLU A 194 -27.91 2.71 25.56
C GLU A 194 -26.43 2.94 25.82
N GLU A 195 -25.56 2.33 25.01
CA GLU A 195 -24.12 2.35 25.31
C GLU A 195 -23.53 3.75 25.19
N MET A 196 -23.94 4.52 24.20
CA MET A 196 -23.34 5.83 24.00
C MET A 196 -23.79 6.82 25.06
N SER A 197 -25.00 6.67 25.59
CA SER A 197 -25.47 7.63 26.58
C SER A 197 -24.66 7.55 27.88
N LYS A 198 -24.30 6.33 28.32
CA LYS A 198 -23.47 6.20 29.51
C LYS A 198 -22.06 6.76 29.28
N LYS A 199 -21.46 6.46 28.12
CA LYS A 199 -20.12 6.96 27.83
C LYS A 199 -20.06 8.48 27.83
N LEU A 200 -20.96 9.12 27.09
CA LEU A 200 -20.87 10.57 26.94
C LEU A 200 -21.68 11.33 27.98
N GLY A 201 -22.46 10.65 28.81
CA GLY A 201 -23.23 11.36 29.83
C GLY A 201 -24.23 12.35 29.28
N ILE A 202 -24.90 11.99 28.19
CA ILE A 202 -25.93 12.83 27.59
C ILE A 202 -27.13 11.95 27.28
N GLU A 203 -28.29 12.59 27.18
CA GLU A 203 -29.54 11.93 26.87
C GLU A 203 -29.58 11.57 25.39
N ILE A 204 -29.88 10.31 25.09
CA ILE A 204 -29.95 9.81 23.73
C ILE A 204 -31.28 9.07 23.54
N LYS A 205 -32.06 9.48 22.55
CA LYS A 205 -33.38 8.95 22.31
C LYS A 205 -33.43 8.31 20.92
N THR A 206 -34.03 7.12 20.85
CA THR A 206 -34.23 6.42 19.60
C THR A 206 -35.44 6.99 18.87
N VAL A 207 -35.27 7.30 17.58
CA VAL A 207 -36.38 7.72 16.72
C VAL A 207 -36.58 6.64 15.67
N GLU A 208 -37.71 6.72 14.97
CA GLU A 208 -38.14 5.62 14.12
C GLU A 208 -38.14 5.98 12.65
N SER A 209 -37.41 7.01 12.27
CA SER A 209 -37.24 7.37 10.87
C SER A 209 -36.05 8.31 10.73
N ALA A 210 -35.42 8.23 9.56
CA ALA A 210 -34.37 9.17 9.25
C ALA A 210 -34.92 10.59 9.21
N ARG A 211 -36.18 10.74 8.82
CA ARG A 211 -36.78 12.06 8.73
C ARG A 211 -36.79 12.77 10.08
N GLU A 212 -37.18 12.07 11.14
CA GLU A 212 -37.26 12.72 12.45
C GLU A 212 -35.87 13.13 12.93
N ALA A 213 -34.88 12.24 12.81
CA ALA A 213 -33.53 12.56 13.26
C ALA A 213 -32.97 13.76 12.50
N THR A 214 -33.29 13.87 11.22
CA THR A 214 -32.81 14.98 10.41
C THR A 214 -33.54 16.28 10.73
N GLU A 215 -34.86 16.21 10.95
CA GLU A 215 -35.67 17.42 11.11
C GLU A 215 -35.33 18.16 12.40
N LYS A 216 -34.97 17.44 13.45
CA LYS A 216 -34.73 18.04 14.76
C LYS A 216 -33.24 18.29 15.02
N SER A 217 -32.37 18.03 14.05
CA SER A 217 -30.94 18.07 14.29
C SER A 217 -30.38 19.48 14.16
N ASP A 218 -29.47 19.82 15.09
CA ASP A 218 -28.55 20.92 14.86
C ASP A 218 -27.30 20.43 14.16
N ILE A 219 -26.85 19.22 14.48
CA ILE A 219 -25.76 18.55 13.80
C ILE A 219 -26.23 17.15 13.42
N LEU A 220 -26.05 16.76 12.16
CA LEU A 220 -26.48 15.45 11.69
C LEU A 220 -25.27 14.63 11.33
N ILE A 221 -25.24 13.40 11.82
CA ILE A 221 -24.18 12.45 11.55
C ILE A 221 -24.77 11.35 10.69
N VAL A 222 -24.16 11.11 9.53
CA VAL A 222 -24.59 10.03 8.64
C VAL A 222 -23.41 9.09 8.47
N ALA A 223 -23.58 7.82 8.90
CA ALA A 223 -22.51 6.81 8.84
C ALA A 223 -23.14 5.44 8.56
N THR A 224 -23.68 5.28 7.36
CA THR A 224 -24.40 4.07 7.00
C THR A 224 -23.59 3.26 5.99
N THR A 225 -24.11 2.06 5.76
CA THR A 225 -23.69 1.10 4.75
C THR A 225 -24.62 1.12 3.54
N ALA A 226 -25.63 1.97 3.57
CA ALA A 226 -26.61 2.04 2.48
C ALA A 226 -25.94 2.34 1.14
N ARG A 227 -26.51 1.77 0.08
CA ARG A 227 -26.06 2.04 -1.27
C ARG A 227 -26.98 3.00 -2.01
N GLU A 228 -28.06 3.45 -1.37
CA GLU A 228 -29.01 4.38 -1.94
C GLU A 228 -29.37 5.42 -0.88
N PRO A 229 -29.83 6.59 -1.30
CA PRO A 229 -30.00 7.71 -0.36
C PRO A 229 -30.90 7.39 0.83
N VAL A 230 -30.47 7.83 2.01
CA VAL A 230 -31.27 7.74 3.21
C VAL A 230 -31.73 9.10 3.72
N VAL A 231 -31.00 10.17 3.44
CA VAL A 231 -31.38 11.50 3.92
C VAL A 231 -31.89 12.32 2.74
N LYS A 232 -33.09 12.85 2.87
CA LYS A 232 -33.66 13.74 1.87
C LYS A 232 -33.36 15.20 2.24
N GLY A 233 -32.99 15.99 1.24
CA GLY A 233 -32.66 17.38 1.48
C GLY A 233 -33.84 18.19 1.98
N GLY A 234 -35.07 17.79 1.60
CA GLY A 234 -36.26 18.49 2.03
C GLY A 234 -36.43 18.50 3.53
N TRP A 235 -35.77 17.59 4.25
CA TRP A 235 -35.90 17.51 5.70
C TRP A 235 -34.96 18.47 6.42
N ILE A 236 -33.86 18.87 5.80
CA ILE A 236 -32.83 19.63 6.48
C ILE A 236 -33.32 21.07 6.64
N ARG A 237 -33.38 21.55 7.87
CA ARG A 237 -33.69 22.94 8.10
C ARG A 237 -32.40 23.78 8.05
N GLU A 238 -32.57 25.10 7.98
CA GLU A 238 -31.42 25.97 7.88
C GLU A 238 -30.54 25.82 9.11
N GLY A 239 -29.26 26.20 8.95
CA GLY A 239 -28.35 26.18 10.08
C GLY A 239 -27.86 24.81 10.46
N THR A 240 -28.16 23.78 9.69
CA THR A 240 -27.74 22.43 10.04
C THR A 240 -26.38 22.14 9.43
N HIS A 241 -25.55 21.46 10.20
CA HIS A 241 -24.25 20.98 9.73
C HIS A 241 -24.26 19.46 9.71
N ILE A 242 -23.76 18.88 8.62
CA ILE A 242 -23.82 17.45 8.39
C ILE A 242 -22.41 16.88 8.24
N ASN A 243 -22.15 15.77 8.93
CA ASN A 243 -20.96 14.95 8.73
C ASN A 243 -21.39 13.64 8.11
N SER A 244 -20.93 13.38 6.89
CA SER A 244 -21.28 12.17 6.16
C SER A 244 -19.99 11.44 5.83
N VAL A 245 -19.81 10.26 6.41
CA VAL A 245 -18.58 9.50 6.25
C VAL A 245 -18.79 8.17 5.55
N GLY A 246 -20.02 7.82 5.20
CA GLY A 246 -20.26 6.53 4.58
C GLY A 246 -19.61 6.40 3.22
N TRP A 247 -19.22 5.17 2.90
CA TRP A 247 -18.65 4.87 1.61
C TRP A 247 -18.86 3.38 1.32
N VAL A 248 -19.45 3.06 0.18
CA VAL A 248 -19.51 1.66 -0.27
C VAL A 248 -19.18 1.64 -1.76
N GLY A 249 -18.25 2.46 -2.17
CA GLY A 249 -17.84 2.56 -3.56
C GLY A 249 -18.34 3.84 -4.20
N ARG A 250 -17.91 4.05 -5.44
CA ARG A 250 -18.33 5.26 -6.13
C ARG A 250 -19.72 5.17 -6.74
N ASP A 251 -20.34 4.00 -6.71
CA ASP A 251 -21.70 3.78 -7.20
C ASP A 251 -22.76 3.91 -6.10
N ALA A 252 -22.34 4.02 -4.84
CA ALA A 252 -23.23 4.01 -3.68
C ALA A 252 -23.28 5.39 -3.06
N ARG A 253 -24.39 5.69 -2.41
CA ARG A 253 -24.49 6.96 -1.71
C ARG A 253 -25.55 6.86 -0.65
N GLU A 254 -25.40 7.68 0.40
CA GLU A 254 -26.38 7.75 1.47
C GLU A 254 -27.07 9.10 1.53
N LEU A 255 -26.67 10.05 0.71
CA LEU A 255 -27.30 11.36 0.66
C LEU A 255 -27.94 11.55 -0.70
N ASP A 256 -29.18 12.04 -0.74
CA ASP A 256 -29.81 12.36 -2.02
C ASP A 256 -29.17 13.63 -2.60
N SER A 257 -29.43 13.88 -3.88
CA SER A 257 -28.81 15.01 -4.54
C SER A 257 -29.22 16.35 -3.91
N GLU A 258 -30.42 16.41 -3.34
CA GLU A 258 -30.90 17.66 -2.76
C GLU A 258 -30.06 18.08 -1.54
N THR A 259 -29.66 17.13 -0.69
CA THR A 259 -28.81 17.49 0.45
C THR A 259 -27.48 18.08 -0.02
N VAL A 260 -26.89 17.51 -1.06
CA VAL A 260 -25.61 18.00 -1.57
C VAL A 260 -25.79 19.40 -2.17
N ARG A 261 -26.80 19.56 -3.03
CA ARG A 261 -27.04 20.83 -3.70
C ARG A 261 -27.31 21.94 -2.69
N LYS A 262 -28.08 21.62 -1.65
CA LYS A 262 -28.55 22.59 -0.67
C LYS A 262 -27.42 23.11 0.22
N SER A 263 -26.28 22.44 0.26
CA SER A 263 -25.27 22.68 1.27
C SER A 263 -24.01 23.33 0.71
N LYS A 264 -23.28 23.95 1.62
CA LYS A 264 -21.91 24.39 1.38
C LYS A 264 -21.00 23.19 1.61
N LEU A 265 -20.41 22.68 0.54
CA LEU A 265 -19.76 21.38 0.57
C LEU A 265 -18.28 21.56 0.91
N VAL A 266 -17.82 20.88 1.96
CA VAL A 266 -16.42 20.76 2.31
C VAL A 266 -16.06 19.28 2.29
N VAL A 267 -14.93 18.93 1.69
CA VAL A 267 -14.48 17.56 1.56
C VAL A 267 -13.13 17.40 2.26
N ASP A 268 -12.86 16.19 2.75
CA ASP A 268 -11.56 15.94 3.37
C ASP A 268 -10.45 16.08 2.35
N SER A 269 -10.67 15.61 1.12
CA SER A 269 -9.71 15.84 0.05
C SER A 269 -10.46 15.77 -1.27
N LYS A 270 -10.16 16.73 -2.15
CA LYS A 270 -10.82 16.80 -3.47
C LYS A 270 -10.49 15.58 -4.30
N GLU A 271 -9.22 15.15 -4.29
CA GLU A 271 -8.81 14.00 -5.10
C GLU A 271 -9.55 12.73 -4.65
N GLY A 272 -9.71 12.55 -3.35
CA GLY A 272 -10.36 11.35 -2.86
C GLY A 272 -11.85 11.35 -3.12
N VAL A 273 -12.53 12.44 -2.76
CA VAL A 273 -13.98 12.46 -2.85
C VAL A 273 -14.45 12.35 -4.31
N LEU A 274 -13.83 13.11 -5.21
CA LEU A 274 -14.28 13.10 -6.60
C LEU A 274 -14.00 11.76 -7.30
N ASN A 275 -13.06 10.97 -6.79
CA ASN A 275 -12.71 9.67 -7.36
C ASN A 275 -13.44 8.50 -6.69
N GLU A 276 -13.94 8.68 -5.47
CA GLU A 276 -14.42 7.57 -4.66
C GLU A 276 -15.84 7.72 -4.14
N SER A 277 -16.37 8.94 -3.97
CA SER A 277 -17.62 9.14 -3.26
C SER A 277 -18.79 9.26 -4.23
N GLY A 278 -19.66 8.26 -4.24
CA GLY A 278 -20.88 8.36 -5.00
C GLY A 278 -21.81 9.43 -4.49
N ASP A 279 -21.72 9.76 -3.19
CA ASP A 279 -22.53 10.86 -2.65
C ASP A 279 -22.31 12.15 -3.45
N ILE A 280 -21.13 12.31 -4.05
CA ILE A 280 -20.79 13.50 -4.81
C ILE A 280 -20.74 13.22 -6.31
N ILE A 281 -20.19 12.08 -6.73
CA ILE A 281 -20.02 11.80 -8.15
C ILE A 281 -21.37 11.72 -8.85
N ILE A 282 -22.35 11.06 -8.23
CA ILE A 282 -23.66 10.89 -8.87
C ILE A 282 -24.39 12.21 -9.08
N PRO A 283 -24.51 13.10 -8.08
CA PRO A 283 -25.15 14.39 -8.36
C PRO A 283 -24.43 15.19 -9.43
N MET A 284 -23.10 14.98 -9.59
CA MET A 284 -22.38 15.63 -10.68
C MET A 284 -22.74 15.03 -12.03
N LYS A 285 -23.02 13.73 -12.05
CA LYS A 285 -23.50 13.12 -13.28
C LYS A 285 -24.87 13.68 -13.66
N GLU A 286 -25.74 13.89 -12.67
CA GLU A 286 -27.08 14.40 -12.93
C GLU A 286 -27.09 15.84 -13.46
N GLY A 287 -26.05 16.62 -13.15
CA GLY A 287 -26.05 18.03 -13.49
C GLY A 287 -26.57 18.94 -12.40
N VAL A 288 -26.92 18.38 -11.24
CA VAL A 288 -27.39 19.19 -10.12
C VAL A 288 -26.26 20.06 -9.56
N ILE A 289 -25.02 19.55 -9.59
CA ILE A 289 -23.84 20.31 -9.18
C ILE A 289 -22.71 19.98 -10.13
N ASP A 290 -21.69 20.81 -10.09
CA ASP A 290 -20.48 20.58 -10.86
C ASP A 290 -19.30 20.60 -9.89
N GLU A 291 -18.10 20.52 -10.45
CA GLU A 291 -16.90 20.45 -9.62
C GLU A 291 -16.73 21.69 -8.76
N GLY A 292 -17.25 22.84 -9.22
CA GLY A 292 -17.13 24.08 -8.48
C GLY A 292 -17.98 24.18 -7.23
N HIS A 293 -18.95 23.28 -7.06
CA HIS A 293 -19.79 23.26 -5.87
C HIS A 293 -19.01 22.90 -4.62
N ILE A 294 -17.80 22.36 -4.75
CA ILE A 294 -16.94 22.11 -3.61
C ILE A 294 -16.44 23.46 -3.10
N HIS A 295 -16.88 23.84 -1.90
CA HIS A 295 -16.49 25.14 -1.34
C HIS A 295 -15.02 25.15 -0.97
N ALA A 296 -14.54 24.10 -0.31
CA ALA A 296 -13.16 24.04 0.16
C ALA A 296 -12.79 22.61 0.54
N GLU A 297 -11.50 22.33 0.51
CA GLU A 297 -10.97 21.16 1.18
C GLU A 297 -10.74 21.46 2.64
N LEU A 298 -10.85 20.42 3.48
CA LEU A 298 -10.68 20.60 4.91
C LEU A 298 -9.34 21.21 5.24
N ALA A 299 -8.31 20.90 4.44
CA ALA A 299 -7.00 21.47 4.69
C ALA A 299 -7.00 22.99 4.53
N GLU A 300 -7.77 23.51 3.55
CA GLU A 300 -7.86 24.96 3.38
C GLU A 300 -8.63 25.61 4.52
N ILE A 301 -9.63 24.92 5.06
CA ILE A 301 -10.39 25.45 6.20
C ILE A 301 -9.50 25.55 7.43
N VAL A 302 -8.70 24.50 7.69
CA VAL A 302 -7.83 24.49 8.86
C VAL A 302 -6.80 25.61 8.78
N ALA A 303 -6.25 25.82 7.57
CA ALA A 303 -5.28 26.85 7.32
C ALA A 303 -5.86 28.25 7.31
N GLY A 304 -7.19 28.39 7.29
CA GLY A 304 -7.79 29.71 7.25
C GLY A 304 -7.84 30.36 5.88
N VAL A 305 -7.33 29.69 4.84
CA VAL A 305 -7.37 30.22 3.49
C VAL A 305 -8.80 30.39 3.01
N LYS A 306 -9.67 29.45 3.34
CA LYS A 306 -11.08 29.48 2.97
C LYS A 306 -11.96 29.70 4.20
N LYS A 307 -13.12 30.31 4.00
CA LYS A 307 -14.00 30.60 5.12
C LYS A 307 -14.87 29.40 5.47
N GLY A 308 -15.18 29.26 6.76
CA GLY A 308 -16.01 28.17 7.22
C GLY A 308 -17.48 28.58 7.23
N ARG A 309 -18.07 28.66 8.41
CA ARG A 309 -19.47 29.07 8.53
C ARG A 309 -19.55 30.58 8.62
N GLU A 310 -20.24 31.19 7.67
CA GLU A 310 -20.32 32.64 7.57
C GLU A 310 -21.57 33.22 8.21
N ASN A 311 -22.65 32.44 8.30
CA ASN A 311 -23.89 32.93 8.89
C ASN A 311 -24.63 31.77 9.55
N ASN A 312 -25.66 32.13 10.31
CA ASN A 312 -26.38 31.14 11.11
C ASN A 312 -27.30 30.27 10.25
N ARG A 313 -27.73 30.75 9.09
CA ARG A 313 -28.73 30.04 8.31
C ARG A 313 -28.13 29.04 7.33
N GLU A 314 -26.82 29.09 7.11
CA GLU A 314 -26.20 28.22 6.12
C GLU A 314 -26.33 26.75 6.52
N ILE A 315 -26.43 25.89 5.50
CA ILE A 315 -26.37 24.46 5.69
C ILE A 315 -25.00 24.00 5.23
N THR A 316 -24.23 23.43 6.14
CA THR A 316 -22.87 23.00 5.88
C THR A 316 -22.82 21.49 5.81
N LEU A 317 -22.06 20.96 4.84
CA LEU A 317 -21.93 19.53 4.66
C LEU A 317 -20.46 19.17 4.55
N PHE A 318 -19.97 18.34 5.48
CA PHE A 318 -18.62 17.81 5.41
C PHE A 318 -18.68 16.38 4.87
N LYS A 319 -18.10 16.17 3.70
CA LYS A 319 -18.05 14.85 3.07
C LYS A 319 -16.68 14.24 3.28
N SER A 320 -16.65 13.08 3.94
CA SER A 320 -15.43 12.40 4.35
C SER A 320 -15.39 11.01 3.73
N VAL A 321 -14.28 10.69 3.08
CA VAL A 321 -14.05 9.34 2.59
C VAL A 321 -12.85 8.68 3.25
N GLY A 322 -11.99 9.43 3.92
CA GLY A 322 -10.84 8.82 4.55
C GLY A 322 -9.59 9.25 3.82
N LEU A 323 -8.58 9.65 4.57
CA LEU A 323 -7.33 10.13 4.01
C LEU A 323 -6.16 9.52 4.76
N ALA A 324 -5.13 9.11 4.03
CA ALA A 324 -4.08 8.34 4.68
C ALA A 324 -3.31 9.13 5.74
N ILE A 325 -3.25 10.47 5.62
CA ILE A 325 -2.48 11.23 6.62
C ILE A 325 -3.11 11.12 7.99
N GLU A 326 -4.44 10.97 8.06
CA GLU A 326 -5.07 10.85 9.36
C GLU A 326 -4.67 9.55 10.03
N ASP A 327 -4.43 8.51 9.24
CA ASP A 327 -3.94 7.27 9.85
C ASP A 327 -2.51 7.43 10.35
N ALA A 328 -1.67 8.14 9.59
CA ALA A 328 -0.25 8.21 9.90
C ALA A 328 0.01 8.99 11.19
N ILE A 329 -0.66 10.14 11.37
CA ILE A 329 -0.37 10.90 12.58
C ILE A 329 -0.92 10.19 13.80
N THR A 330 -2.04 9.50 13.63
CA THR A 330 -2.63 8.77 14.75
C THR A 330 -1.80 7.54 15.08
N ALA A 331 -1.31 6.83 14.05
CA ALA A 331 -0.48 5.66 14.30
C ALA A 331 0.80 6.04 14.99
N LYS A 332 1.40 7.16 14.58
CA LYS A 332 2.62 7.60 15.22
C LYS A 332 2.37 8.24 16.58
N LEU A 333 1.23 8.92 16.77
CA LEU A 333 0.89 9.33 18.13
C LEU A 333 0.88 8.11 19.05
N ALA A 334 0.20 7.05 18.62
CA ALA A 334 0.07 5.87 19.46
C ALA A 334 1.37 5.11 19.63
N TYR A 335 2.13 4.94 18.54
CA TYR A 335 3.39 4.23 18.61
C TYR A 335 4.31 4.95 19.60
N GLU A 336 4.36 6.27 19.50
CA GLU A 336 5.19 7.09 20.36
C GLU A 336 4.75 7.12 21.82
N LYS A 337 3.46 6.94 22.08
CA LYS A 337 3.00 6.81 23.45
C LYS A 337 3.28 5.42 23.99
N ALA A 338 3.25 4.39 23.13
CA ALA A 338 3.51 3.03 23.61
C ALA A 338 4.93 2.89 24.13
N LEU A 339 5.89 3.50 23.42
CA LEU A 339 7.27 3.43 23.89
C LEU A 339 7.42 4.10 25.24
N GLU A 340 6.86 5.30 25.38
CA GLU A 340 6.98 6.04 26.62
C GLU A 340 6.20 5.36 27.74
N HIS A 341 5.20 4.55 27.42
CA HIS A 341 4.40 3.88 28.44
C HIS A 341 4.74 2.40 28.60
N GLY A 342 5.68 1.86 27.82
CA GLY A 342 6.04 0.45 27.90
C GLY A 342 4.96 -0.50 27.44
N VAL A 343 4.20 -0.12 26.44
CA VAL A 343 3.07 -0.91 25.96
C VAL A 343 3.48 -1.59 24.66
N GLY A 344 3.04 -2.82 24.46
CA GLY A 344 3.31 -3.56 23.24
C GLY A 344 4.25 -4.74 23.46
N THR A 345 4.38 -5.52 22.40
CA THR A 345 5.20 -6.73 22.38
C THR A 345 6.22 -6.64 21.26
N ASN A 346 7.46 -7.00 21.56
CA ASN A 346 8.53 -7.00 20.57
C ASN A 346 8.62 -8.38 19.91
N VAL A 347 8.97 -8.39 18.63
CA VAL A 347 9.06 -9.66 17.91
C VAL A 347 10.34 -9.80 17.09
N MET B 25 -3.93 -13.74 14.13
CA MET B 25 -2.92 -13.57 13.07
C MET B 25 -1.64 -14.41 13.26
N LEU B 26 -1.03 -14.85 12.17
CA LEU B 26 0.18 -15.67 12.23
C LEU B 26 1.41 -14.83 11.88
N LEU B 27 2.51 -15.10 12.56
CA LEU B 27 3.78 -14.41 12.38
C LEU B 27 4.81 -15.37 11.81
N LEU B 28 5.54 -14.91 10.80
CA LEU B 28 6.58 -15.69 10.15
C LEU B 28 7.82 -14.83 10.09
N SER B 29 8.88 -15.27 10.75
CA SER B 29 10.15 -14.58 10.82
C SER B 29 11.09 -15.10 9.74
N ARG B 30 12.18 -14.36 9.50
CA ARG B 30 13.14 -14.77 8.48
C ARG B 30 13.63 -16.19 8.74
N SER B 31 13.91 -16.51 10.00
CA SER B 31 14.29 -17.87 10.35
C SER B 31 13.18 -18.85 9.99
N ASP B 32 11.92 -18.46 10.23
CA ASP B 32 10.81 -19.31 9.84
C ASP B 32 10.77 -19.52 8.33
N LEU B 33 10.96 -18.44 7.55
CA LEU B 33 10.79 -18.55 6.10
C LEU B 33 11.92 -19.33 5.44
N GLU B 34 13.16 -19.17 5.91
CA GLU B 34 14.30 -19.82 5.25
C GLU B 34 14.10 -21.32 5.27
N LYS B 35 13.49 -21.80 6.35
CA LYS B 35 13.17 -23.19 6.57
C LYS B 35 12.13 -23.71 5.58
N LEU B 36 11.11 -22.90 5.25
CA LEU B 36 9.94 -23.33 4.49
C LEU B 36 10.16 -23.43 2.98
N ILE B 37 10.87 -22.48 2.38
CA ILE B 37 10.87 -22.31 0.92
C ILE B 37 12.28 -22.43 0.33
N SER B 38 12.34 -23.03 -0.86
CA SER B 38 13.57 -23.23 -1.63
C SER B 38 13.38 -22.58 -2.99
N MET B 39 14.49 -22.38 -3.72
CA MET B 39 14.40 -21.61 -4.96
C MET B 39 13.69 -22.38 -6.07
N LYS B 40 13.84 -23.70 -6.12
CA LYS B 40 13.14 -24.48 -7.14
C LYS B 40 11.62 -24.33 -7.01
N GLU B 41 11.12 -24.32 -5.76
CA GLU B 41 9.71 -24.09 -5.51
C GLU B 41 9.30 -22.68 -5.95
N VAL B 42 10.10 -21.67 -5.59
CA VAL B 42 9.76 -20.28 -5.89
C VAL B 42 9.77 -20.04 -7.38
N ILE B 43 10.69 -20.69 -8.10
CA ILE B 43 10.72 -20.54 -9.55
C ILE B 43 9.42 -21.04 -10.16
N GLU B 44 8.97 -22.23 -9.74
CA GLU B 44 7.70 -22.74 -10.23
C GLU B 44 6.56 -21.82 -9.86
N SER B 45 6.57 -21.27 -8.64
CA SER B 45 5.44 -20.47 -8.16
C SER B 45 5.37 -19.13 -8.88
N VAL B 46 6.51 -18.47 -9.06
CA VAL B 46 6.51 -17.19 -9.77
C VAL B 46 6.10 -17.39 -11.23
N GLU B 47 6.49 -18.52 -11.82
CA GLU B 47 6.07 -18.80 -13.19
C GLU B 47 4.56 -18.93 -13.29
N ARG B 48 3.93 -19.60 -12.32
CA ARG B 48 2.48 -19.76 -12.33
C ARG B 48 1.77 -18.43 -12.09
N ALA B 49 2.38 -17.56 -11.28
CA ALA B 49 1.80 -16.25 -11.01
C ALA B 49 1.70 -15.42 -12.29
N PHE B 50 2.73 -15.50 -13.14
CA PHE B 50 2.71 -14.78 -14.40
C PHE B 50 1.75 -15.41 -15.41
N LEU B 51 1.63 -16.73 -15.39
CA LEU B 51 0.61 -17.37 -16.22
C LEU B 51 -0.78 -16.96 -15.75
N GLU B 52 -0.98 -16.89 -14.44
CA GLU B 52 -2.26 -16.42 -13.92
C GLU B 52 -2.51 -14.96 -14.31
N LEU B 53 -1.44 -14.16 -14.36
CA LEU B 53 -1.56 -12.75 -14.77
C LEU B 53 -1.94 -12.63 -16.24
N TYR B 54 -1.39 -13.50 -17.10
CA TYR B 54 -1.70 -13.43 -18.52
C TYR B 54 -3.15 -13.81 -18.80
N ASN B 55 -3.70 -14.77 -18.05
CA ASN B 55 -5.08 -15.22 -18.28
C ASN B 55 -6.12 -14.28 -17.68
N GLY B 56 -5.72 -13.07 -17.28
CA GLY B 56 -6.65 -12.09 -16.74
C GLY B 56 -7.13 -12.37 -15.33
N LYS B 57 -6.42 -13.20 -14.58
CA LYS B 57 -6.80 -13.57 -13.23
C LYS B 57 -5.97 -12.88 -12.16
N ALA B 58 -5.38 -11.72 -12.47
CA ALA B 58 -4.56 -10.98 -11.51
C ALA B 58 -4.97 -9.51 -11.52
N LYS B 59 -5.01 -8.93 -10.33
CA LYS B 59 -5.24 -7.50 -10.17
C LYS B 59 -3.96 -6.90 -9.60
N VAL B 60 -3.16 -6.28 -10.48
CA VAL B 60 -1.89 -5.67 -10.10
C VAL B 60 -1.89 -4.19 -10.46
N PRO B 61 -2.48 -3.33 -9.64
CA PRO B 61 -2.37 -1.90 -9.87
C PRO B 61 -0.91 -1.50 -9.73
N LEU B 62 -0.53 -0.43 -10.43
CA LEU B 62 0.85 0.00 -10.36
C LEU B 62 1.24 0.35 -8.93
N ARG B 63 2.42 -0.09 -8.51
CA ARG B 63 2.84 0.14 -7.12
C ARG B 63 3.04 1.63 -6.86
N THR B 64 2.83 2.01 -5.60
CA THR B 64 2.97 3.38 -5.15
C THR B 64 4.36 3.58 -4.57
N ILE B 65 5.09 4.57 -5.07
CA ILE B 65 6.45 4.87 -4.61
C ILE B 65 6.45 6.23 -3.93
N ILE B 66 6.88 6.26 -2.67
CA ILE B 66 7.10 7.50 -1.94
C ILE B 66 8.60 7.67 -1.75
N GLU B 67 9.14 8.74 -2.31
CA GLU B 67 10.56 9.02 -2.20
C GLU B 67 10.80 9.84 -0.94
N VAL B 68 11.62 9.31 -0.03
CA VAL B 68 12.02 10.06 1.16
C VAL B 68 13.32 10.78 0.80
N GLU B 69 13.16 11.94 0.14
CA GLU B 69 14.31 12.77 -0.24
C GLU B 69 15.15 13.19 0.96
N LYS B 70 14.53 13.43 2.12
CA LYS B 70 15.23 13.94 3.30
C LYS B 70 16.23 12.94 3.85
N HIS B 71 16.02 11.64 3.62
CA HIS B 71 16.89 10.62 4.18
C HIS B 71 17.45 9.68 3.11
N ASN B 72 17.36 10.09 1.84
CA ASN B 72 17.96 9.36 0.73
C ASN B 72 17.42 7.92 0.64
N GLY B 73 16.10 7.83 0.48
CA GLY B 73 15.46 6.53 0.44
C GLY B 73 14.16 6.52 -0.34
N PHE B 74 13.69 5.29 -0.56
CA PHE B 74 12.39 5.06 -1.18
C PHE B 74 11.63 4.03 -0.35
N ILE B 75 10.30 4.14 -0.36
CA ILE B 75 9.44 3.11 0.21
C ILE B 75 8.38 2.74 -0.83
N LEU B 76 8.21 1.44 -1.06
CA LEU B 76 7.38 0.93 -2.15
C LEU B 76 6.22 0.11 -1.59
N TYR B 77 5.00 0.39 -2.04
CA TYR B 77 3.79 -0.29 -1.59
C TYR B 77 3.22 -1.05 -2.78
N MET B 78 3.26 -2.40 -2.69
CA MET B 78 3.01 -3.32 -3.80
C MET B 78 1.90 -4.29 -3.43
N PRO B 79 0.64 -3.88 -3.59
CA PRO B 79 -0.47 -4.80 -3.40
C PRO B 79 -0.86 -5.57 -4.65
N SER B 80 -1.43 -6.76 -4.45
CA SER B 80 -1.91 -7.52 -5.59
C SER B 80 -2.87 -8.61 -5.11
N TYR B 81 -3.75 -9.02 -6.01
CA TYR B 81 -4.71 -10.07 -5.71
C TYR B 81 -4.69 -11.06 -6.86
N LEU B 82 -4.35 -12.30 -6.56
CA LEU B 82 -4.40 -13.38 -7.54
C LEU B 82 -5.60 -14.24 -7.19
N GLU B 83 -6.62 -14.20 -8.04
CA GLU B 83 -7.93 -14.69 -7.68
C GLU B 83 -8.03 -16.20 -7.78
N ASP B 84 -7.33 -16.82 -8.74
CA ASP B 84 -7.29 -18.27 -8.79
C ASP B 84 -6.52 -18.85 -7.61
N SER B 85 -5.33 -18.32 -7.34
CA SER B 85 -4.56 -18.77 -6.19
C SER B 85 -5.09 -18.25 -4.88
N GLU B 86 -6.00 -17.28 -4.91
CA GLU B 86 -6.55 -16.66 -3.71
C GLU B 86 -5.42 -16.15 -2.80
N ALA B 87 -4.53 -15.37 -3.41
CA ALA B 87 -3.43 -14.72 -2.72
C ALA B 87 -3.69 -13.22 -2.76
N LEU B 88 -4.04 -12.66 -1.62
CA LEU B 88 -4.34 -11.22 -1.48
C LEU B 88 -3.29 -10.66 -0.52
N ALA B 89 -2.24 -10.04 -1.08
CA ALA B 89 -1.08 -9.63 -0.29
C ALA B 89 -0.58 -8.25 -0.69
N VAL B 90 0.04 -7.59 0.27
CA VAL B 90 0.73 -6.33 0.06
C VAL B 90 2.12 -6.40 0.70
N LYS B 91 3.13 -5.93 -0.02
CA LYS B 91 4.49 -5.86 0.49
C LYS B 91 4.88 -4.39 0.65
N VAL B 92 5.47 -4.07 1.80
CA VAL B 92 6.03 -2.75 2.07
C VAL B 92 7.54 -2.92 2.07
N VAL B 93 8.20 -2.48 0.99
CA VAL B 93 9.63 -2.65 0.83
C VAL B 93 10.28 -1.28 0.64
N SER B 94 11.47 -1.12 1.20
CA SER B 94 12.18 0.15 1.18
C SER B 94 13.59 -0.05 0.63
N LEU B 95 14.08 1.00 -0.02
CA LEU B 95 15.42 1.02 -0.61
C LEU B 95 16.17 2.22 -0.08
N TYR B 96 17.20 1.99 0.75
CA TYR B 96 18.08 3.06 1.23
C TYR B 96 19.51 2.68 0.88
N PRO B 97 20.04 3.21 -0.23
CA PRO B 97 21.36 2.75 -0.72
C PRO B 97 22.51 2.96 0.23
N GLU B 98 22.39 3.89 1.19
CA GLU B 98 23.42 4.13 2.19
C GLU B 98 23.20 3.33 3.46
N ASN B 99 22.23 2.41 3.48
CA ASN B 99 21.94 1.66 4.69
C ASN B 99 23.10 0.76 5.08
N THR B 100 23.86 0.26 4.08
CA THR B 100 24.97 -0.63 4.39
C THR B 100 26.02 0.05 5.25
N LYS B 101 26.04 1.40 5.24
CA LYS B 101 26.95 2.16 6.09
C LYS B 101 26.52 2.18 7.56
N LYS B 102 25.26 1.86 7.85
CA LYS B 102 24.74 1.83 9.21
C LYS B 102 24.59 0.40 9.74
N GLY B 103 25.18 -0.58 9.08
CA GLY B 103 24.97 -1.97 9.45
C GLY B 103 23.59 -2.50 9.13
N LEU B 104 22.94 -1.97 8.10
CA LEU B 104 21.61 -2.38 7.69
C LEU B 104 21.59 -2.70 6.20
N PRO B 105 20.77 -3.67 5.80
CA PRO B 105 20.66 -3.99 4.37
C PRO B 105 20.01 -2.84 3.60
N SER B 106 20.35 -2.76 2.31
CA SER B 106 19.75 -1.71 1.49
C SER B 106 18.23 -1.90 1.38
N VAL B 107 17.79 -3.14 1.29
CA VAL B 107 16.38 -3.45 1.02
C VAL B 107 15.80 -4.15 2.24
N LEU B 108 14.74 -3.57 2.80
CA LEU B 108 14.00 -4.10 3.92
C LEU B 108 12.54 -4.17 3.54
N ALA B 109 11.89 -5.28 3.87
CA ALA B 109 10.51 -5.49 3.44
C ALA B 109 9.69 -6.17 4.52
N SER B 110 8.37 -5.97 4.43
CA SER B 110 7.38 -6.68 5.23
C SER B 110 6.21 -7.04 4.30
N ILE B 111 5.61 -8.20 4.52
CA ILE B 111 4.53 -8.69 3.68
C ILE B 111 3.32 -9.00 4.56
N LEU B 112 2.15 -8.51 4.14
CA LEU B 112 0.88 -8.72 4.85
C LEU B 112 -0.04 -9.54 3.95
N LEU B 113 -0.58 -10.62 4.50
CA LEU B 113 -1.50 -11.50 3.79
C LEU B 113 -2.87 -11.32 4.40
N ASN B 114 -3.86 -11.04 3.55
CA ASN B 114 -5.24 -10.85 3.97
C ASN B 114 -6.10 -11.97 3.42
N ASP B 115 -7.22 -12.22 4.12
CA ASP B 115 -8.16 -13.25 3.72
C ASP B 115 -9.10 -12.70 2.67
N PRO B 116 -9.15 -13.28 1.47
CA PRO B 116 -10.04 -12.72 0.44
C PRO B 116 -11.51 -12.74 0.82
N LYS B 117 -11.94 -13.67 1.68
CA LYS B 117 -13.35 -13.81 2.01
C LYS B 117 -13.86 -12.78 3.02
N THR B 118 -13.00 -12.34 3.93
CA THR B 118 -13.39 -11.38 4.95
C THR B 118 -12.56 -10.11 4.95
N GLY B 119 -11.44 -10.07 4.23
CA GLY B 119 -10.53 -8.94 4.35
C GLY B 119 -9.73 -8.90 5.62
N ALA B 120 -9.92 -9.88 6.49
CA ALA B 120 -9.20 -9.91 7.75
C ALA B 120 -7.73 -10.22 7.51
N PRO B 121 -6.83 -9.61 8.27
CA PRO B 121 -5.40 -9.94 8.11
C PRO B 121 -5.13 -11.35 8.60
N LEU B 122 -4.45 -12.14 7.78
CA LEU B 122 -4.08 -13.51 8.09
C LEU B 122 -2.66 -13.62 8.65
N ALA B 123 -1.71 -12.86 8.12
CA ALA B 123 -0.33 -13.05 8.52
C ALA B 123 0.50 -11.79 8.27
N LEU B 124 1.48 -11.59 9.14
CA LEU B 124 2.56 -10.65 8.93
C LEU B 124 3.86 -11.45 8.87
N MET B 125 4.58 -11.33 7.75
CA MET B 125 5.79 -12.11 7.50
C MET B 125 6.95 -11.17 7.17
N GLU B 126 8.15 -11.58 7.56
CA GLU B 126 9.34 -10.86 7.14
C GLU B 126 9.46 -10.92 5.62
N GLY B 127 9.65 -9.77 4.99
CA GLY B 127 9.61 -9.77 3.54
C GLY B 127 10.97 -9.70 2.90
N THR B 128 12.00 -9.42 3.69
CA THR B 128 13.34 -9.20 3.12
C THR B 128 13.84 -10.44 2.42
N PHE B 129 13.72 -11.60 3.07
CA PHE B 129 14.19 -12.85 2.47
C PHE B 129 13.33 -13.25 1.28
N ILE B 130 12.02 -13.02 1.37
CA ILE B 130 11.11 -13.35 0.27
C ILE B 130 11.37 -12.44 -0.92
N THR B 131 11.69 -11.18 -0.65
CA THR B 131 12.01 -10.28 -1.75
C THR B 131 13.19 -10.80 -2.56
N ALA B 132 14.25 -11.21 -1.88
CA ALA B 132 15.41 -11.76 -2.58
C ALA B 132 15.06 -13.08 -3.29
N MET B 133 14.27 -13.94 -2.65
CA MET B 133 13.92 -15.21 -3.26
C MET B 133 13.07 -15.00 -4.51
N ARG B 134 12.01 -14.18 -4.40
CA ARG B 134 11.12 -13.97 -5.54
C ARG B 134 11.80 -13.21 -6.68
N THR B 135 12.77 -12.34 -6.35
CA THR B 135 13.50 -11.62 -7.39
C THR B 135 14.41 -12.55 -8.17
N GLY B 136 15.16 -13.41 -7.46
CA GLY B 136 15.98 -14.39 -8.15
C GLY B 136 15.16 -15.35 -8.99
N ALA B 137 14.03 -15.81 -8.44
CA ALA B 137 13.19 -16.75 -9.17
C ALA B 137 12.58 -16.11 -10.41
N ALA B 138 12.19 -14.84 -10.31
CA ALA B 138 11.65 -14.15 -11.49
C ALA B 138 12.66 -14.15 -12.63
N SER B 139 13.93 -13.86 -12.31
CA SER B 139 14.97 -13.97 -13.33
C SER B 139 15.24 -15.42 -13.69
N GLY B 140 14.96 -16.35 -12.76
CA GLY B 140 15.14 -17.76 -13.08
C GLY B 140 14.22 -18.24 -14.18
N VAL B 141 12.93 -17.86 -14.11
CA VAL B 141 12.01 -18.28 -15.17
C VAL B 141 12.38 -17.60 -16.49
N ALA B 142 12.77 -16.31 -16.43
CA ALA B 142 13.15 -15.65 -17.67
C ALA B 142 14.41 -16.26 -18.26
N THR B 143 15.35 -16.65 -17.41
CA THR B 143 16.58 -17.30 -17.88
C THR B 143 16.27 -18.60 -18.62
N LYS B 144 15.25 -19.35 -18.18
CA LYS B 144 14.89 -20.61 -18.84
C LYS B 144 14.53 -20.39 -20.31
N TYR B 145 13.81 -19.30 -20.61
CA TYR B 145 13.34 -19.05 -21.96
C TYR B 145 14.31 -18.24 -22.81
N LEU B 146 15.21 -17.47 -22.19
CA LEU B 146 16.02 -16.49 -22.90
C LEU B 146 17.51 -16.81 -22.97
N ALA B 147 18.01 -17.70 -22.14
CA ALA B 147 19.44 -17.98 -22.08
C ALA B 147 19.77 -19.21 -22.90
N ARG B 148 20.98 -19.22 -23.45
CA ARG B 148 21.45 -20.41 -24.17
C ARG B 148 21.47 -21.59 -23.22
N LYS B 149 20.98 -22.73 -23.70
CA LYS B 149 20.94 -23.92 -22.85
C LYS B 149 22.33 -24.43 -22.52
N ASP B 150 23.32 -24.15 -23.37
CA ASP B 150 24.69 -24.56 -23.14
C ASP B 150 25.51 -23.50 -22.39
N SER B 151 24.86 -22.61 -21.65
CA SER B 151 25.58 -21.59 -20.90
C SER B 151 26.27 -22.22 -19.69
N LYS B 152 27.57 -21.93 -19.52
CA LYS B 152 28.29 -22.49 -18.38
C LYS B 152 28.99 -21.43 -17.53
N ILE B 153 29.34 -20.27 -18.07
CA ILE B 153 30.04 -19.21 -17.35
C ILE B 153 29.04 -18.08 -17.11
N ALA B 154 28.92 -17.66 -15.85
CA ALA B 154 28.02 -16.58 -15.46
C ALA B 154 28.83 -15.45 -14.84
N GLY B 155 28.57 -14.23 -15.28
CA GLY B 155 29.23 -13.04 -14.74
C GLY B 155 28.27 -12.27 -13.87
N ILE B 156 28.79 -11.78 -12.74
CA ILE B 156 27.99 -11.07 -11.76
C ILE B 156 28.63 -9.71 -11.49
N ILE B 157 27.84 -8.66 -11.66
CA ILE B 157 28.26 -7.29 -11.38
C ILE B 157 27.39 -6.77 -10.25
N GLY B 158 28.03 -6.46 -9.12
CA GLY B 158 27.35 -6.12 -7.88
C GLY B 158 27.09 -7.33 -7.01
N ALA B 159 27.95 -7.58 -6.01
CA ALA B 159 27.84 -8.81 -5.22
C ALA B 159 27.10 -8.56 -3.91
N GLY B 160 25.86 -8.13 -4.03
CA GLY B 160 25.03 -7.80 -2.89
C GLY B 160 24.05 -8.88 -2.53
N VAL B 161 22.94 -8.47 -1.88
CA VAL B 161 21.95 -9.45 -1.46
C VAL B 161 21.30 -10.09 -2.67
N GLN B 162 20.91 -9.28 -3.66
CA GLN B 162 20.19 -9.84 -4.82
C GLN B 162 21.07 -10.78 -5.63
N ALA B 163 22.36 -10.46 -5.77
CA ALA B 163 23.23 -11.27 -6.61
C ALA B 163 23.28 -12.72 -6.15
N ARG B 164 23.17 -12.96 -4.85
CA ARG B 164 23.23 -14.33 -4.34
C ARG B 164 22.07 -15.17 -4.86
N THR B 165 20.83 -14.69 -4.65
CA THR B 165 19.68 -15.42 -5.19
C THR B 165 19.64 -15.35 -6.72
N GLN B 166 20.20 -14.30 -7.32
CA GLN B 166 20.27 -14.24 -8.77
C GLN B 166 21.08 -15.40 -9.30
N LEU B 167 22.30 -15.59 -8.77
CA LEU B 167 23.13 -16.68 -9.24
C LEU B 167 22.52 -18.04 -8.89
N TRP B 168 21.93 -18.14 -7.69
CA TRP B 168 21.29 -19.39 -7.27
C TRP B 168 20.19 -19.81 -8.24
N ALA B 169 19.31 -18.88 -8.60
CA ALA B 169 18.23 -19.22 -9.52
C ALA B 169 18.75 -19.51 -10.93
N VAL B 170 19.84 -18.87 -11.35
CA VAL B 170 20.45 -19.21 -12.64
C VAL B 170 21.02 -20.62 -12.61
N CYS B 171 21.58 -21.04 -11.47
CA CYS B 171 22.13 -22.39 -11.34
C CYS B 171 21.03 -23.45 -11.33
N GLU B 172 19.83 -23.11 -10.86
CA GLU B 172 18.74 -24.08 -10.88
C GLU B 172 18.22 -24.32 -12.29
N VAL B 173 18.52 -23.41 -13.21
CA VAL B 173 17.95 -23.44 -14.55
C VAL B 173 18.96 -23.80 -15.63
N ARG B 174 20.26 -23.65 -15.36
CA ARG B 174 21.31 -23.94 -16.34
C ARG B 174 22.42 -24.75 -15.68
N ASN B 175 23.24 -25.40 -16.49
CA ASN B 175 24.37 -26.19 -15.99
C ASN B 175 25.61 -25.30 -15.86
N ILE B 176 25.49 -24.31 -14.98
CA ILE B 176 26.57 -23.35 -14.78
C ILE B 176 27.79 -24.05 -14.18
N GLU B 177 28.97 -23.73 -14.69
CA GLU B 177 30.20 -24.33 -14.21
C GLU B 177 31.09 -23.37 -13.44
N LYS B 178 31.16 -22.11 -13.85
CA LYS B 178 32.07 -21.15 -13.24
C LYS B 178 31.46 -19.77 -13.27
N ALA B 179 31.73 -18.98 -12.23
CA ALA B 179 31.16 -17.65 -12.09
C ALA B 179 32.26 -16.63 -11.83
N LEU B 180 32.06 -15.41 -12.38
CA LEU B 180 32.96 -14.27 -12.21
C LEU B 180 32.20 -13.12 -11.58
N VAL B 181 32.76 -12.54 -10.52
CA VAL B 181 32.06 -11.54 -9.73
C VAL B 181 32.93 -10.29 -9.65
N TYR B 182 32.33 -9.13 -9.95
CA TYR B 182 32.99 -7.85 -9.83
C TYR B 182 32.14 -6.93 -8.98
N ASP B 183 32.78 -6.24 -8.04
CA ASP B 183 32.11 -5.22 -7.23
C ASP B 183 33.13 -4.14 -6.91
N ILE B 184 32.65 -2.90 -6.74
CA ILE B 184 33.55 -1.86 -6.27
C ILE B 184 33.98 -2.11 -4.83
N ASN B 185 33.24 -2.93 -4.10
CA ASN B 185 33.55 -3.29 -2.73
C ASN B 185 34.32 -4.62 -2.71
N PRO B 186 35.63 -4.61 -2.41
CA PRO B 186 36.37 -5.88 -2.43
C PRO B 186 35.92 -6.87 -1.37
N LYS B 187 35.39 -6.40 -0.23
CA LYS B 187 34.86 -7.31 0.76
C LYS B 187 33.66 -8.08 0.24
N ASN B 188 32.74 -7.38 -0.44
CA ASN B 188 31.53 -8.02 -0.92
C ASN B 188 31.83 -9.05 -1.98
N ALA B 189 32.79 -8.75 -2.87
CA ALA B 189 33.14 -9.71 -3.91
C ALA B 189 33.80 -10.95 -3.34
N LYS B 190 34.71 -10.77 -2.37
CA LYS B 190 35.39 -11.90 -1.77
C LYS B 190 34.41 -12.76 -0.98
N LYS B 191 33.59 -12.12 -0.14
CA LYS B 191 32.63 -12.85 0.65
C LYS B 191 31.63 -13.58 -0.24
N PHE B 192 31.24 -12.95 -1.34
CA PHE B 192 30.35 -13.59 -2.30
C PHE B 192 31.00 -14.82 -2.93
N ALA B 193 32.21 -14.65 -3.47
CA ALA B 193 32.86 -15.77 -4.15
C ALA B 193 33.07 -16.95 -3.21
N GLU B 194 33.57 -16.68 -2.00
CA GLU B 194 33.80 -17.77 -1.04
C GLU B 194 32.49 -18.42 -0.65
N GLU B 195 31.56 -17.64 -0.10
CA GLU B 195 30.35 -18.18 0.49
C GLU B 195 29.44 -18.79 -0.58
N MET B 196 29.32 -18.16 -1.74
CA MET B 196 28.45 -18.71 -2.77
C MET B 196 29.06 -19.94 -3.46
N SER B 197 30.40 -20.07 -3.45
CA SER B 197 31.02 -21.24 -4.09
C SER B 197 30.71 -22.52 -3.33
N LYS B 198 30.84 -22.49 -1.99
CA LYS B 198 30.42 -23.64 -1.19
C LYS B 198 28.91 -23.80 -1.24
N LYS B 199 28.19 -22.68 -1.25
CA LYS B 199 26.73 -22.68 -1.36
C LYS B 199 26.29 -23.49 -2.57
N LEU B 200 26.69 -23.07 -3.77
CA LEU B 200 26.19 -23.69 -5.01
C LEU B 200 27.08 -24.80 -5.53
N GLY B 201 28.21 -25.07 -4.87
CA GLY B 201 29.11 -26.13 -5.34
C GLY B 201 29.70 -25.85 -6.72
N ILE B 202 30.04 -24.60 -6.99
CA ILE B 202 30.66 -24.20 -8.25
C ILE B 202 31.81 -23.28 -7.92
N GLU B 203 32.76 -23.20 -8.85
CA GLU B 203 33.92 -22.32 -8.70
C GLU B 203 33.53 -20.88 -8.99
N ILE B 204 33.86 -19.97 -8.06
CA ILE B 204 33.59 -18.55 -8.24
C ILE B 204 34.86 -17.76 -7.98
N LYS B 205 35.27 -16.97 -8.94
CA LYS B 205 36.50 -16.20 -8.87
C LYS B 205 36.14 -14.73 -8.99
N THR B 206 36.74 -13.92 -8.14
CA THR B 206 36.54 -12.49 -8.23
C THR B 206 37.41 -11.96 -9.36
N VAL B 207 36.84 -11.12 -10.21
CA VAL B 207 37.59 -10.42 -11.25
C VAL B 207 37.62 -8.93 -10.86
N GLU B 208 38.49 -8.15 -11.53
CA GLU B 208 38.84 -6.81 -11.09
C GLU B 208 38.46 -5.75 -12.12
N SER B 209 37.43 -6.02 -12.93
CA SER B 209 36.80 -4.99 -13.74
C SER B 209 35.45 -5.51 -14.23
N ALA B 210 34.49 -4.58 -14.37
CA ALA B 210 33.20 -4.94 -14.96
C ALA B 210 33.36 -5.41 -16.40
N ARG B 211 34.36 -4.88 -17.11
CA ARG B 211 34.60 -5.28 -18.49
C ARG B 211 34.86 -6.77 -18.59
N GLU B 212 35.72 -7.30 -17.72
CA GLU B 212 36.09 -8.70 -17.80
C GLU B 212 34.91 -9.61 -17.49
N ALA B 213 34.13 -9.28 -16.46
CA ALA B 213 32.97 -10.10 -16.13
C ALA B 213 31.96 -10.10 -17.27
N THR B 214 31.81 -8.97 -17.96
CA THR B 214 30.86 -8.91 -19.07
C THR B 214 31.36 -9.67 -20.29
N GLU B 215 32.65 -9.54 -20.61
CA GLU B 215 33.19 -10.14 -21.83
C GLU B 215 33.17 -11.67 -21.77
N LYS B 216 33.36 -12.25 -20.59
CA LYS B 216 33.50 -13.69 -20.47
C LYS B 216 32.20 -14.40 -20.11
N SER B 217 31.09 -13.67 -20.04
CA SER B 217 29.83 -14.20 -19.56
C SER B 217 29.03 -14.90 -20.66
N ASP B 218 28.46 -16.05 -20.32
CA ASP B 218 27.35 -16.60 -21.09
C ASP B 218 26.02 -16.05 -20.59
N ILE B 219 25.92 -15.85 -19.26
CA ILE B 219 24.80 -15.18 -18.61
C ILE B 219 25.37 -14.12 -17.69
N LEU B 220 24.86 -12.90 -17.79
CA LEU B 220 25.35 -11.80 -16.97
C LEU B 220 24.27 -11.39 -15.97
N ILE B 221 24.68 -11.25 -14.70
CA ILE B 221 23.81 -10.83 -13.63
C ILE B 221 24.27 -9.45 -13.19
N VAL B 222 23.38 -8.46 -13.25
CA VAL B 222 23.64 -7.10 -12.80
C VAL B 222 22.63 -6.79 -11.70
N ALA B 223 23.15 -6.49 -10.48
CA ALA B 223 22.37 -6.23 -9.25
C ALA B 223 23.12 -5.16 -8.44
N THR B 224 23.09 -3.94 -8.97
CA THR B 224 23.92 -2.85 -8.50
C THR B 224 23.09 -1.80 -7.77
N THR B 225 23.78 -0.94 -7.05
CA THR B 225 23.21 0.27 -6.44
C THR B 225 23.59 1.53 -7.23
N ALA B 226 24.44 1.40 -8.23
CA ALA B 226 24.95 2.52 -9.00
C ALA B 226 23.84 3.26 -9.72
N ARG B 227 24.02 4.59 -9.84
CA ARG B 227 23.06 5.44 -10.52
C ARG B 227 23.48 5.78 -11.95
N GLU B 228 24.61 5.24 -12.39
CA GLU B 228 25.13 5.50 -13.73
C GLU B 228 25.64 4.18 -14.30
N PRO B 229 25.66 4.05 -15.62
CA PRO B 229 25.95 2.75 -16.24
C PRO B 229 27.28 2.14 -15.78
N VAL B 230 27.22 0.84 -15.49
CA VAL B 230 28.40 0.05 -15.20
C VAL B 230 28.71 -0.92 -16.33
N VAL B 231 27.71 -1.30 -17.12
CA VAL B 231 27.88 -2.26 -18.20
C VAL B 231 27.86 -1.49 -19.52
N LYS B 232 28.96 -1.59 -20.27
CA LYS B 232 29.05 -0.99 -21.60
C LYS B 232 28.70 -2.03 -22.65
N GLY B 233 27.87 -1.63 -23.61
CA GLY B 233 27.43 -2.57 -24.63
C GLY B 233 28.57 -3.07 -25.49
N GLY B 234 29.62 -2.26 -25.66
CA GLY B 234 30.76 -2.65 -26.48
C GLY B 234 31.44 -3.93 -26.01
N TRP B 235 31.22 -4.33 -24.76
CA TRP B 235 31.83 -5.54 -24.21
C TRP B 235 31.02 -6.79 -24.46
N ILE B 236 29.71 -6.65 -24.68
CA ILE B 236 28.84 -7.82 -24.74
C ILE B 236 29.00 -8.52 -26.10
N ARG B 237 29.47 -9.76 -26.07
CA ARG B 237 29.53 -10.54 -27.30
C ARG B 237 28.19 -11.23 -27.53
N GLU B 238 28.01 -11.77 -28.73
CA GLU B 238 26.75 -12.38 -29.08
C GLU B 238 26.48 -13.62 -28.22
N GLY B 239 25.21 -13.98 -28.14
CA GLY B 239 24.78 -15.16 -27.44
C GLY B 239 24.70 -15.06 -25.95
N THR B 240 24.94 -13.88 -25.37
CA THR B 240 24.88 -13.73 -23.93
C THR B 240 23.49 -13.25 -23.52
N HIS B 241 23.04 -13.73 -22.37
CA HIS B 241 21.76 -13.34 -21.76
C HIS B 241 22.04 -12.51 -20.52
N ILE B 242 21.29 -11.42 -20.37
CA ILE B 242 21.50 -10.45 -19.29
C ILE B 242 20.25 -10.40 -18.42
N ASN B 243 20.45 -10.49 -17.11
CA ASN B 243 19.41 -10.22 -16.13
C ASN B 243 19.82 -8.98 -15.34
N SER B 244 19.01 -7.92 -15.44
CA SER B 244 19.28 -6.65 -14.79
C SER B 244 18.12 -6.34 -13.85
N VAL B 245 18.41 -6.27 -12.54
CA VAL B 245 17.37 -6.06 -11.55
C VAL B 245 17.59 -4.78 -10.76
N GLY B 246 18.69 -4.08 -10.98
CA GLY B 246 18.95 -2.88 -10.22
C GLY B 246 17.89 -1.82 -10.48
N TRP B 247 17.64 -1.01 -9.45
CA TRP B 247 16.71 0.10 -9.56
C TRP B 247 17.03 1.09 -8.44
N VAL B 248 17.27 2.35 -8.78
CA VAL B 248 17.40 3.41 -7.79
C VAL B 248 16.61 4.63 -8.27
N GLY B 249 15.45 4.41 -8.85
CA GLY B 249 14.60 5.48 -9.33
C GLY B 249 14.56 5.55 -10.86
N ARG B 250 13.77 6.49 -11.34
CA ARG B 250 13.67 6.69 -12.78
C ARG B 250 14.83 7.48 -13.37
N ASP B 251 15.69 8.08 -12.55
CA ASP B 251 16.85 8.79 -13.07
C ASP B 251 18.11 7.93 -13.14
N ALA B 252 18.06 6.72 -12.60
CA ALA B 252 19.25 5.90 -12.44
C ALA B 252 19.22 4.70 -13.38
N ARG B 253 20.41 4.23 -13.75
CA ARG B 253 20.55 3.05 -14.59
C ARG B 253 21.94 2.48 -14.39
N GLU B 254 22.05 1.17 -14.65
CA GLU B 254 23.31 0.43 -14.59
C GLU B 254 23.74 -0.11 -15.96
N LEU B 255 22.91 0.07 -16.99
CA LEU B 255 23.23 -0.35 -18.35
C LEU B 255 23.27 0.88 -19.24
N ASP B 256 24.31 1.00 -20.05
CA ASP B 256 24.34 2.12 -20.99
C ASP B 256 23.31 1.91 -22.10
N SER B 257 23.08 2.97 -22.86
CA SER B 257 22.06 2.92 -23.90
C SER B 257 22.38 1.86 -24.95
N GLU B 258 23.67 1.61 -25.18
CA GLU B 258 24.06 0.60 -26.17
C GLU B 258 23.60 -0.80 -25.76
N THR B 259 23.69 -1.12 -24.47
CA THR B 259 23.27 -2.43 -23.99
C THR B 259 21.80 -2.69 -24.26
N VAL B 260 20.94 -1.70 -23.97
CA VAL B 260 19.50 -1.88 -24.17
C VAL B 260 19.17 -2.00 -25.66
N ARG B 261 19.69 -1.06 -26.47
CA ARG B 261 19.38 -1.08 -27.90
C ARG B 261 19.85 -2.36 -28.55
N LYS B 262 21.01 -2.86 -28.15
CA LYS B 262 21.64 -4.01 -28.79
C LYS B 262 20.89 -5.32 -28.53
N SER B 263 20.02 -5.37 -27.53
CA SER B 263 19.47 -6.62 -27.05
C SER B 263 18.01 -6.80 -27.44
N LYS B 264 17.58 -8.06 -27.38
CA LYS B 264 16.17 -8.42 -27.46
C LYS B 264 15.59 -8.24 -26.07
N LEU B 265 14.75 -7.22 -25.90
CA LEU B 265 14.36 -6.72 -24.59
C LEU B 265 13.09 -7.40 -24.08
N VAL B 266 13.18 -8.04 -22.92
CA VAL B 266 12.02 -8.58 -22.22
C VAL B 266 11.94 -7.90 -20.86
N VAL B 267 10.73 -7.48 -20.48
CA VAL B 267 10.51 -6.77 -19.23
C VAL B 267 9.59 -7.58 -18.35
N ASP B 268 9.71 -7.39 -17.03
CA ASP B 268 8.80 -8.07 -16.11
C ASP B 268 7.37 -7.57 -16.31
N SER B 269 7.21 -6.26 -16.46
CA SER B 269 5.92 -5.71 -16.80
C SER B 269 6.18 -4.38 -17.51
N LYS B 270 5.41 -4.14 -18.58
CA LYS B 270 5.55 -2.90 -19.34
C LYS B 270 5.16 -1.71 -18.49
N GLU B 271 4.07 -1.85 -17.73
CA GLU B 271 3.60 -0.75 -16.90
C GLU B 271 4.65 -0.37 -15.87
N GLY B 272 5.30 -1.37 -15.27
CA GLY B 272 6.29 -1.08 -14.25
C GLY B 272 7.58 -0.55 -14.82
N VAL B 273 8.15 -1.23 -15.81
CA VAL B 273 9.47 -0.84 -16.30
C VAL B 273 9.41 0.56 -16.92
N LEU B 274 8.41 0.80 -17.77
CA LEU B 274 8.29 2.08 -18.47
C LEU B 274 8.03 3.25 -17.53
N ASN B 275 7.51 2.99 -16.33
CA ASN B 275 7.26 4.04 -15.35
C ASN B 275 8.36 4.18 -14.31
N GLU B 276 9.22 3.18 -14.14
CA GLU B 276 10.12 3.18 -12.99
C GLU B 276 11.58 3.01 -13.35
N SER B 277 11.89 2.38 -14.48
CA SER B 277 13.26 1.94 -14.77
C SER B 277 13.98 2.95 -15.64
N GLY B 278 14.98 3.63 -15.05
CA GLY B 278 15.81 4.50 -15.85
C GLY B 278 16.63 3.77 -16.89
N ASP B 279 16.90 2.47 -16.67
CA ASP B 279 17.60 1.66 -17.66
C ASP B 279 16.88 1.66 -19.00
N ILE B 280 15.58 1.88 -19.00
CA ILE B 280 14.79 1.92 -20.21
C ILE B 280 14.32 3.33 -20.54
N ILE B 281 13.91 4.11 -19.53
CA ILE B 281 13.34 5.44 -19.76
C ILE B 281 14.38 6.37 -20.38
N ILE B 282 15.61 6.32 -19.89
CA ILE B 282 16.66 7.22 -20.37
C ILE B 282 16.98 6.92 -21.84
N PRO B 283 17.24 5.68 -22.25
CA PRO B 283 17.51 5.45 -23.67
C PRO B 283 16.36 5.84 -24.59
N MET B 284 15.12 5.75 -24.11
CA MET B 284 14.00 6.18 -24.94
C MET B 284 13.91 7.69 -25.00
N LYS B 285 14.29 8.39 -23.92
CA LYS B 285 14.36 9.84 -23.97
C LYS B 285 15.42 10.30 -24.97
N GLU B 286 16.54 9.58 -25.05
CA GLU B 286 17.59 9.91 -26.00
C GLU B 286 17.12 9.73 -27.44
N GLY B 287 16.16 8.84 -27.67
CA GLY B 287 15.74 8.46 -29.01
C GLY B 287 16.42 7.22 -29.57
N VAL B 288 17.26 6.54 -28.79
CA VAL B 288 17.93 5.33 -29.25
C VAL B 288 16.94 4.19 -29.41
N ILE B 289 15.92 4.14 -28.56
CA ILE B 289 14.89 3.12 -28.64
C ILE B 289 13.55 3.77 -28.38
N ASP B 290 12.48 3.07 -28.75
CA ASP B 290 11.12 3.50 -28.48
C ASP B 290 10.39 2.37 -27.77
N GLU B 291 9.09 2.59 -27.52
CA GLU B 291 8.30 1.63 -26.76
C GLU B 291 8.21 0.27 -27.46
N GLY B 292 8.34 0.25 -28.78
CA GLY B 292 8.29 -0.97 -29.56
C GLY B 292 9.52 -1.84 -29.44
N HIS B 293 10.62 -1.30 -28.89
CA HIS B 293 11.84 -2.09 -28.70
C HIS B 293 11.66 -3.20 -27.66
N ILE B 294 10.61 -3.11 -26.84
CA ILE B 294 10.25 -4.16 -25.90
C ILE B 294 9.65 -5.31 -26.71
N HIS B 295 10.35 -6.45 -26.74
CA HIS B 295 9.87 -7.59 -27.50
C HIS B 295 8.62 -8.18 -26.87
N ALA B 296 8.65 -8.39 -25.55
CA ALA B 296 7.53 -9.03 -24.89
C ALA B 296 7.64 -8.82 -23.38
N GLU B 297 6.49 -8.89 -22.72
CA GLU B 297 6.44 -9.02 -21.28
C GLU B 297 6.66 -10.48 -20.89
N LEU B 298 7.19 -10.68 -19.68
CA LEU B 298 7.45 -12.04 -19.23
C LEU B 298 6.18 -12.87 -19.21
N ALA B 299 5.03 -12.25 -18.92
CA ALA B 299 3.79 -13.00 -18.88
C ALA B 299 3.45 -13.58 -20.25
N GLU B 300 3.78 -12.84 -21.32
CA GLU B 300 3.53 -13.37 -22.67
C GLU B 300 4.49 -14.50 -23.00
N ILE B 301 5.74 -14.42 -22.53
CA ILE B 301 6.70 -15.49 -22.78
C ILE B 301 6.31 -16.78 -22.04
N VAL B 302 5.88 -16.64 -20.78
CA VAL B 302 5.49 -17.83 -20.02
C VAL B 302 4.29 -18.51 -20.68
N ALA B 303 3.35 -17.72 -21.17
CA ALA B 303 2.16 -18.25 -21.81
C ALA B 303 2.44 -18.90 -23.16
N GLY B 304 3.62 -18.69 -23.73
CA GLY B 304 3.96 -19.19 -25.04
C GLY B 304 3.44 -18.36 -26.19
N VAL B 305 2.67 -17.30 -25.91
CA VAL B 305 2.17 -16.41 -26.96
C VAL B 305 3.32 -15.69 -27.67
N LYS B 306 4.30 -15.20 -26.92
CA LYS B 306 5.47 -14.55 -27.49
C LYS B 306 6.68 -15.45 -27.27
N LYS B 307 7.56 -15.51 -28.25
CA LYS B 307 8.68 -16.43 -28.19
C LYS B 307 9.88 -15.78 -27.51
N GLY B 308 10.69 -16.62 -26.87
CA GLY B 308 11.84 -16.15 -26.12
C GLY B 308 13.11 -16.05 -26.96
N ARG B 309 14.08 -16.93 -26.69
CA ARG B 309 15.33 -16.95 -27.43
C ARG B 309 15.18 -17.84 -28.65
N GLU B 310 15.37 -17.27 -29.83
CA GLU B 310 15.15 -17.98 -31.09
C GLU B 310 16.44 -18.47 -31.76
N ASN B 311 17.57 -17.84 -31.53
CA ASN B 311 18.81 -18.24 -32.16
C ASN B 311 19.99 -17.95 -31.24
N ASN B 312 21.16 -18.48 -31.65
CA ASN B 312 22.36 -18.38 -30.83
C ASN B 312 23.01 -17.01 -30.85
N ARG B 313 22.80 -16.23 -31.91
CA ARG B 313 23.57 -15.02 -32.06
C ARG B 313 22.93 -13.80 -31.39
N GLU B 314 21.64 -13.86 -31.08
CA GLU B 314 20.99 -12.70 -30.46
C GLU B 314 21.49 -12.51 -29.03
N ILE B 315 21.46 -11.26 -28.58
CA ILE B 315 21.75 -10.94 -27.18
C ILE B 315 20.43 -10.63 -26.49
N THR B 316 20.13 -11.37 -25.43
CA THR B 316 18.86 -11.26 -24.73
C THR B 316 19.05 -10.55 -23.39
N LEU B 317 18.13 -9.64 -23.09
CA LEU B 317 18.19 -8.84 -21.86
C LEU B 317 16.83 -8.90 -21.18
N PHE B 318 16.80 -9.41 -19.95
CA PHE B 318 15.60 -9.40 -19.11
C PHE B 318 15.75 -8.28 -18.09
N LYS B 319 14.90 -7.28 -18.20
CA LYS B 319 14.91 -6.14 -17.29
C LYS B 319 13.83 -6.33 -16.24
N SER B 320 14.22 -6.34 -14.98
CA SER B 320 13.30 -6.60 -13.89
C SER B 320 13.37 -5.48 -12.88
N VAL B 321 12.19 -4.96 -12.51
CA VAL B 321 12.06 -3.98 -11.44
C VAL B 321 11.24 -4.48 -10.26
N GLY B 322 10.53 -5.59 -10.42
CA GLY B 322 9.71 -6.17 -9.37
C GLY B 322 8.22 -5.99 -9.67
N LEU B 323 7.46 -7.05 -9.44
CA LEU B 323 6.01 -7.01 -9.64
C LEU B 323 5.35 -7.68 -8.43
N ALA B 324 4.23 -7.09 -7.98
CA ALA B 324 3.63 -7.50 -6.72
C ALA B 324 3.13 -8.94 -6.74
N ILE B 325 2.85 -9.51 -7.92
CA ILE B 325 2.33 -10.88 -7.96
C ILE B 325 3.36 -11.86 -7.45
N GLU B 326 4.65 -11.55 -7.63
CA GLU B 326 5.69 -12.45 -7.14
C GLU B 326 5.71 -12.51 -5.62
N ASP B 327 5.39 -11.40 -4.95
CA ASP B 327 5.30 -11.44 -3.51
C ASP B 327 4.08 -12.24 -3.06
N ALA B 328 2.93 -12.04 -3.73
CA ALA B 328 1.72 -12.73 -3.28
C ALA B 328 1.83 -14.24 -3.48
N ILE B 329 2.37 -14.68 -4.62
CA ILE B 329 2.46 -16.11 -4.84
C ILE B 329 3.49 -16.74 -3.91
N THR B 330 4.55 -16.01 -3.59
CA THR B 330 5.53 -16.53 -2.64
C THR B 330 5.03 -16.48 -1.20
N ALA B 331 4.35 -15.40 -0.82
CA ALA B 331 3.82 -15.29 0.54
C ALA B 331 2.76 -16.35 0.81
N LYS B 332 1.90 -16.63 -0.17
CA LYS B 332 0.87 -17.65 0.05
C LYS B 332 1.49 -19.04 0.05
N LEU B 333 2.50 -19.23 -0.80
CA LEU B 333 3.31 -20.45 -0.77
C LEU B 333 3.91 -20.66 0.61
N ALA B 334 4.57 -19.63 1.15
CA ALA B 334 5.21 -19.76 2.44
C ALA B 334 4.19 -19.91 3.56
N TYR B 335 3.09 -19.16 3.48
CA TYR B 335 2.07 -19.21 4.53
C TYR B 335 1.45 -20.59 4.63
N GLU B 336 1.11 -21.20 3.48
CA GLU B 336 0.44 -22.50 3.54
C GLU B 336 1.39 -23.60 3.97
N LYS B 337 2.69 -23.46 3.72
CA LYS B 337 3.64 -24.45 4.22
C LYS B 337 3.84 -24.31 5.73
N ALA B 338 3.71 -23.08 6.25
CA ALA B 338 3.83 -22.89 7.69
C ALA B 338 2.70 -23.59 8.41
N LEU B 339 1.48 -23.51 7.87
CA LEU B 339 0.36 -24.19 8.50
C LEU B 339 0.58 -25.69 8.51
N GLU B 340 1.02 -26.24 7.38
CA GLU B 340 1.26 -27.68 7.27
C GLU B 340 2.46 -28.12 8.12
N HIS B 341 3.39 -27.20 8.41
CA HIS B 341 4.58 -27.55 9.18
C HIS B 341 4.50 -27.13 10.63
N GLY B 342 3.46 -26.39 11.01
CA GLY B 342 3.35 -25.87 12.36
C GLY B 342 4.40 -24.84 12.71
N VAL B 343 4.80 -24.02 11.74
CA VAL B 343 5.85 -23.02 11.91
C VAL B 343 5.20 -21.65 12.05
N GLY B 344 5.76 -20.84 12.93
CA GLY B 344 5.27 -19.50 13.18
C GLY B 344 4.58 -19.41 14.52
N THR B 345 4.34 -18.17 14.94
CA THR B 345 3.75 -17.85 16.24
C THR B 345 2.46 -17.08 16.02
N ASN B 346 1.42 -17.42 16.78
CA ASN B 346 0.13 -16.74 16.65
C ASN B 346 0.08 -15.55 17.59
N VAL B 347 -0.54 -14.46 17.12
CA VAL B 347 -0.63 -13.23 17.91
C VAL B 347 -2.07 -12.70 17.84
N GLU B 348 -2.42 -11.92 18.85
CA GLU B 348 -3.72 -11.27 18.94
C GLU B 348 -3.60 -9.80 18.60
N LEU B 349 -4.60 -9.26 17.91
CA LEU B 349 -4.66 -7.83 17.63
C LEU B 349 -6.11 -7.34 17.59
N PRO C . -12.99 4.17 3.97
CA PRO C . -12.45 3.80 5.28
C PRO C . -11.11 4.46 5.62
O PRO C . -10.34 3.95 6.44
CB PRO C . -12.33 2.27 5.17
CG PRO C . -13.49 1.88 4.29
CD PRO C . -13.71 3.04 3.34
OXT PRO C . -10.76 5.53 5.11
PA NAI D . -21.06 -0.74 10.45
O1A NAI D . -21.46 -1.97 9.68
O2A NAI D . -20.47 -1.10 11.79
O5B NAI D . -22.29 0.36 10.66
C5B NAI D . -23.09 0.67 9.54
C4B NAI D . -24.53 1.08 10.08
O4B NAI D . -25.17 1.57 9.08
C3B NAI D . -25.30 -0.19 10.52
O3B NAI D . -25.79 -0.10 11.79
C2B NAI D . -26.49 -0.24 9.55
O2B NAI D . -27.63 -0.82 10.36
C1B NAI D . -26.68 0.99 9.20
N9A NAI D . -27.40 1.08 7.95
C8A NAI D . -27.09 0.36 6.87
N7A NAI D . -27.95 0.68 5.91
C5A NAI D . -28.81 1.59 6.38
C6A NAI D . -29.88 2.25 5.80
N6A NAI D . -30.51 2.20 4.50
N1A NAI D . -30.57 3.14 6.51
C2A NAI D . -30.22 3.40 7.79
N3A NAI D . -29.18 2.76 8.36
C4A NAI D . -28.46 1.85 7.64
O3 NAI D . -19.87 0.00 9.52
PN NAI D . -19.03 1.34 9.99
O1N NAI D . -17.67 0.86 10.43
O2N NAI D . -19.79 2.10 11.06
O5D NAI D . -18.85 2.30 8.69
C5D NAI D . -20.00 2.94 8.27
C4D NAI D . -19.72 3.65 6.92
O4D NAI D . -18.68 4.43 7.07
C3D NAI D . -19.36 2.64 5.82
O3D NAI D . -19.83 3.07 4.59
C2D NAI D . -17.83 2.70 5.80
O2D NAI D . -17.40 2.13 4.45
C1D NAI D . -17.64 3.99 5.92
N1N NAI D . -16.29 4.33 6.40
C2N NAI D . -15.65 5.56 5.97
C3N NAI D . -14.46 6.13 6.80
C7N NAI D . -14.03 7.60 6.55
O7N NAI D . -12.93 7.95 6.81
N7N NAI D . -15.02 8.53 6.02
C4N NAI D . -14.00 5.43 8.06
C5N NAI D . -14.39 3.93 8.12
C6N NAI D . -15.60 3.45 7.31
N PRO E . 12.45 -2.78 -5.98
CA PRO E . 12.47 -3.97 -5.10
C PRO E . 11.15 -4.74 -5.06
O PRO E . 10.30 -4.64 -5.93
CB PRO E . 12.80 -3.37 -3.74
CG PRO E . 13.67 -2.20 -4.05
CD PRO E . 13.25 -1.68 -5.41
OXT PRO E . 10.94 -5.50 -4.11
PA NAI F . 22.99 -4.31 -1.83
O1A NAI F . 23.36 -2.95 -1.33
O2A NAI F . 22.98 -5.30 -0.68
O5B NAI F . 23.95 -4.83 -3.06
C5B NAI F . 24.22 -3.83 -4.05
C4B NAI F . 25.67 -4.12 -4.65
O4B NAI F . 25.87 -3.36 -5.68
C3B NAI F . 26.74 -3.73 -3.62
O3B NAI F . 27.51 -4.82 -3.36
C2B NAI F . 27.53 -2.59 -4.30
O2B NAI F . 28.97 -2.58 -3.84
C1B NAI F . 27.42 -2.90 -5.56
N9A NAI F . 27.66 -1.76 -6.42
C8A NAI F . 27.06 -0.58 -6.26
N7A NAI F . 27.52 0.23 -7.22
C5A NAI F . 28.39 -0.46 -7.97
C6A NAI F . 29.13 -0.08 -9.07
N6A NAI F . 29.22 1.17 -9.80
N1A NAI F . 29.94 -0.95 -9.66
C2A NAI F . 30.04 -2.21 -9.18
N3A NAI F . 29.31 -2.58 -8.09
C4A NAI F . 28.48 -1.69 -7.49
O3 NAI F . 21.46 -4.16 -2.47
PN NAI F . 20.64 -5.39 -3.22
O1N NAI F . 19.62 -5.85 -2.20
O2N NAI F . 21.57 -6.50 -3.64
O5D NAI F . 19.88 -4.82 -4.54
C5D NAI F . 20.61 -4.78 -5.71
C4D NAI F . 19.79 -3.99 -6.77
O4D NAI F . 18.70 -4.64 -7.11
C3D NAI F . 19.30 -2.67 -6.16
O3D NAI F . 19.43 -1.67 -7.11
C2D NAI F . 17.82 -2.89 -5.85
O2D NAI F . 17.12 -1.53 -5.83
C1D NAI F . 17.44 -3.65 -6.85
N1N NAI F . 16.28 -4.46 -6.46
C2N NAI F . 15.18 -4.70 -7.39
C3N NAI F . 14.24 -5.91 -7.18
C7N NAI F . 13.59 -6.48 -8.47
O7N NAI F . 13.90 -6.01 -9.50
N7N NAI F . 12.60 -7.58 -8.39
C4N NAI F . 14.43 -6.84 -6.00
C5N NAI F . 15.20 -6.20 -4.85
C6N NAI F . 16.19 -5.06 -5.13
#